data_7X3K
#
_entry.id   7X3K
#
_cell.length_a   1.00
_cell.length_b   1.00
_cell.length_c   1.00
_cell.angle_alpha   90.00
_cell.angle_beta   90.00
_cell.angle_gamma   90.00
#
_symmetry.space_group_name_H-M   'P 1'
#
loop_
_entity.id
_entity.type
_entity.pdbx_description
1 polymer Zuotin
2 polymer 'Ribosome-associated complex subunit SSZ1'
#
loop_
_entity_poly.entity_id
_entity_poly.type
_entity_poly.pdbx_seq_one_letter_code
_entity_poly.pdbx_strand_id
1 'polypeptide(L)'
;MFSLPTLTSDITVEVNSSATKTPFVRRPVEPVGKFFLQHAQRTLRNHTWSEFERIEAEKNVKTVDESNVDPDELLFDTEL
ADEDLLTHDARDWKTADLYAAMGLSKLRFRATESQIIKAHRKQVVKYHPDKQSAAGGSLDQDGFFKIIQKAFETLTDSNK
RAQYDSCDFVADVPPPKKGTDYDFYEAWGPVFEAEARFSKKTPIPSLGNKDSSKKEVEQFYAFWHRFDSWRTFEFLDEDV
PDDSSNRDHKRYIERKNKAARDKKKTADNARLVKLVERAVSEDPRIKMFKEEEKKEKERRKWEREAGARAEAEAKAKAEA
EAKAKAESEAKANASAKADKKKAKEAAKAAKKKNKRAIRNSAKEADYFGDADKATTIDEQVGLIVDSLNDEELVSTADKI
KANAAGAKEVLKESAKTIVDSGKLPSSLLSYFV
;
A
2 'polypeptide(L)'
;MSSPVIGITFGNTSSSIAYINPKNDVDVIANPDGERAIPSALSYVGEDEYHGGQALQQLIRNPKNTIINFRDFIGLPFDK
CDVSKCANGAPAVEVDGKVGFVISRGEGKEEKLTVDEVVSRHLNRLKLAAEDYIGSAVKEAVLTVPTNFSEEQKTALKAS
AAKIGLQIVQFINEPSAALLAHAEQFPFEKDVNVVVADFGGIRSDAAVIAVRNGIFTILATAHDLSLGGDNLDTELVEYF
ASEFQKKYQANPRKNARSLAKLKANSSITKKTLSNATSATISIDSLADGFDYHASINRMRYELVANKVFAQFSSFVDSVI
AKAELDPLDIDAVLLTGGVSFTPKLTTNLEYTLPESVEILGPQNKNASNNPNELAASGAALQARLISDYDADELAEALQP
VIVNTPHLKKPIGLIGAKGEFHPVLLAETSFPVQKKLTLKQAKGDFLIGVYEGDHHIEEKTLEPIPKEENAEEDDESEWS
DDEPEVVREKLYTLGTKLMELGIKNANGVEIIFNINKDGALRVTARDLKTGNAVKGEL
;
B
#
# COMPACT_ATOMS: atom_id res chain seq x y z
N MET A 1 14.10 8.98 14.36
CA MET A 1 14.08 10.41 14.66
C MET A 1 15.14 10.75 15.70
N PHE A 2 16.11 11.56 15.30
CA PHE A 2 17.21 11.93 16.18
C PHE A 2 17.58 13.39 15.96
N SER A 3 18.68 13.79 16.58
CA SER A 3 19.07 15.19 16.66
C SER A 3 19.80 15.63 15.39
N LEU A 4 20.17 16.91 15.35
CA LEU A 4 20.73 17.58 14.19
C LEU A 4 22.16 18.03 14.50
N PRO A 5 23.01 18.20 13.47
CA PRO A 5 24.38 18.71 13.73
C PRO A 5 24.42 20.10 14.34
N THR A 6 23.48 20.97 13.97
CA THR A 6 23.28 22.32 14.54
C THR A 6 24.55 23.17 14.40
N LEU A 7 25.00 23.36 13.17
CA LEU A 7 26.27 24.06 12.96
C LEU A 7 26.03 25.54 12.66
N THR A 8 27.01 26.36 13.04
CA THR A 8 26.89 27.81 12.91
C THR A 8 27.56 28.36 11.66
N SER A 9 28.07 27.50 10.77
CA SER A 9 28.67 27.98 9.52
C SER A 9 27.61 28.60 8.62
N ASP A 10 26.42 28.00 8.59
CA ASP A 10 25.20 28.59 8.02
C ASP A 10 25.32 28.85 6.51
N ILE A 11 26.01 27.96 5.80
CA ILE A 11 26.21 28.15 4.37
C ILE A 11 24.97 27.69 3.61
N THR A 12 24.60 28.45 2.58
CA THR A 12 23.49 28.12 1.69
C THR A 12 23.96 27.96 0.25
N VAL A 13 25.15 27.38 0.08
CA VAL A 13 25.79 27.27 -1.22
C VAL A 13 25.93 25.80 -1.59
N GLU A 14 25.43 25.47 -2.78
CA GLU A 14 25.66 24.16 -3.39
C GLU A 14 27.04 24.14 -4.01
N VAL A 15 27.75 23.02 -3.82
CA VAL A 15 29.17 22.99 -4.16
C VAL A 15 29.44 21.86 -5.17
N ASN A 16 28.54 20.90 -5.27
CA ASN A 16 28.79 19.75 -6.12
C ASN A 16 28.36 20.04 -7.56
N SER A 17 28.61 19.06 -8.42
CA SER A 17 28.17 19.13 -9.81
C SER A 17 26.65 18.92 -9.91
N SER A 18 26.14 19.08 -11.13
CA SER A 18 24.72 18.93 -11.41
C SER A 18 24.29 17.47 -11.24
N ALA A 19 23.02 17.28 -10.86
CA ALA A 19 22.47 15.97 -10.55
C ALA A 19 22.36 15.09 -11.79
N THR A 20 23.15 14.02 -11.82
CA THR A 20 23.20 13.10 -12.94
C THR A 20 22.27 11.90 -12.71
N LYS A 21 22.03 11.16 -13.78
CA LYS A 21 21.22 9.96 -13.73
C LYS A 21 22.06 8.69 -13.55
N THR A 22 23.35 8.83 -13.29
CA THR A 22 24.17 7.67 -12.94
C THR A 22 23.81 7.01 -11.60
N PRO A 23 23.27 7.71 -10.55
CA PRO A 23 22.66 6.93 -9.47
C PRO A 23 21.18 6.65 -9.71
N PHE A 24 20.72 6.75 -10.95
CA PHE A 24 19.32 6.50 -11.26
C PHE A 24 19.21 5.24 -12.11
N VAL A 25 18.25 4.38 -11.74
CA VAL A 25 18.12 3.05 -12.32
C VAL A 25 16.69 2.87 -12.81
N ARG A 26 16.49 2.01 -13.83
CA ARG A 26 15.30 2.11 -14.67
C ARG A 26 14.67 0.76 -15.05
N ARG A 27 14.66 -0.21 -14.14
CA ARG A 27 13.96 -1.46 -14.47
C ARG A 27 12.47 -1.24 -14.18
N PRO A 28 11.56 -1.97 -14.85
CA PRO A 28 10.14 -1.73 -14.61
C PRO A 28 9.64 -2.37 -13.32
N VAL A 29 8.37 -2.07 -13.02
CA VAL A 29 7.70 -2.50 -11.80
C VAL A 29 6.43 -3.24 -12.19
N GLU A 30 5.77 -3.87 -11.23
CA GLU A 30 4.57 -4.63 -11.52
C GLU A 30 3.34 -3.73 -11.46
N PRO A 31 2.35 -3.93 -12.34
CA PRO A 31 1.14 -3.10 -12.29
C PRO A 31 0.19 -3.48 -11.18
N VAL A 32 0.45 -2.99 -9.98
CA VAL A 32 -0.32 -3.36 -8.80
C VAL A 32 -0.33 -2.18 -7.83
N GLY A 33 -1.44 -2.02 -7.12
CA GLY A 33 -1.57 -0.94 -6.16
C GLY A 33 -2.48 0.17 -6.66
N LYS A 34 -3.14 0.87 -5.72
CA LYS A 34 -4.00 1.97 -6.10
C LYS A 34 -3.20 3.18 -6.56
N PHE A 35 -1.92 3.25 -6.14
CA PHE A 35 -1.10 4.40 -6.53
C PHE A 35 -0.39 4.13 -7.85
N PHE A 36 -0.32 2.86 -8.27
CA PHE A 36 0.05 2.59 -9.66
C PHE A 36 -1.03 3.12 -10.60
N LEU A 37 -2.29 3.00 -10.21
CA LEU A 37 -3.39 3.35 -11.10
C LEU A 37 -3.59 4.85 -11.17
N GLN A 38 -2.89 5.62 -10.33
CA GLN A 38 -2.91 7.07 -10.47
C GLN A 38 -1.63 7.57 -11.11
N HIS A 39 -0.49 6.95 -10.79
CA HIS A 39 0.79 7.34 -11.37
C HIS A 39 0.84 7.06 -12.86
N ALA A 40 0.22 5.95 -13.29
CA ALA A 40 0.03 5.73 -14.71
C ALA A 40 -0.95 6.72 -15.29
N GLN A 41 -1.96 7.11 -14.51
CA GLN A 41 -3.09 7.88 -15.02
C GLN A 41 -2.68 9.31 -15.38
N ARG A 42 -1.63 9.84 -14.74
CA ARG A 42 -1.15 11.18 -15.08
C ARG A 42 -0.51 11.20 -16.47
N THR A 43 0.16 10.12 -16.85
CA THR A 43 0.71 10.01 -18.19
C THR A 43 -0.16 9.16 -19.11
N LEU A 44 -1.35 8.76 -18.66
CA LEU A 44 -2.31 8.08 -19.52
C LEU A 44 -3.52 8.96 -19.79
N ARG A 45 -4.20 9.38 -18.73
CA ARG A 45 -5.48 10.05 -18.90
C ARG A 45 -5.32 11.57 -18.95
N ASN A 46 -4.85 12.16 -17.84
CA ASN A 46 -4.59 13.59 -17.69
C ASN A 46 -5.79 14.46 -18.09
N HIS A 47 -6.96 14.06 -17.60
CA HIS A 47 -8.20 14.76 -17.96
C HIS A 47 -8.28 16.10 -17.25
N THR A 48 -8.59 17.15 -18.02
CA THR A 48 -8.67 18.51 -17.51
C THR A 48 -9.49 19.37 -18.46
N TRP A 49 -10.55 19.96 -17.92
CA TRP A 49 -11.27 21.03 -18.60
C TRP A 49 -11.96 21.93 -17.59
N ASP A 70 -16.45 40.92 -18.58
CA ASP A 70 -17.18 40.51 -17.39
C ASP A 70 -16.67 41.32 -16.18
N PRO A 71 -17.59 42.03 -15.51
CA PRO A 71 -17.18 42.84 -14.35
C PRO A 71 -16.62 42.04 -13.18
N ASP A 72 -17.07 40.79 -13.01
CA ASP A 72 -16.61 40.00 -11.85
C ASP A 72 -15.19 39.50 -12.06
N GLU A 73 -14.78 39.30 -13.32
CA GLU A 73 -13.43 38.84 -13.59
C GLU A 73 -12.40 39.96 -13.43
N LEU A 74 -12.83 41.21 -13.31
CA LEU A 74 -11.90 42.30 -13.06
C LEU A 74 -11.43 42.32 -11.61
N LEU A 75 -12.13 41.62 -10.71
CA LEU A 75 -11.73 41.55 -9.31
C LEU A 75 -10.75 40.44 -9.01
N PHE A 76 -10.41 39.62 -10.00
CA PHE A 76 -9.52 38.48 -9.79
C PHE A 76 -8.06 38.94 -9.78
N ASP A 77 -7.19 38.01 -9.38
CA ASP A 77 -5.76 38.21 -9.58
C ASP A 77 -5.42 37.94 -11.05
N THR A 78 -4.73 38.89 -11.68
CA THR A 78 -4.30 38.69 -13.05
C THR A 78 -3.17 37.67 -13.13
N GLU A 79 -2.25 37.72 -12.18
CA GLU A 79 -1.15 36.78 -12.08
C GLU A 79 -1.15 36.23 -10.66
N LEU A 80 -0.51 35.07 -10.47
CA LEU A 80 -0.47 34.40 -9.17
C LEU A 80 0.27 35.26 -8.14
N ALA A 81 -0.47 35.68 -7.11
CA ALA A 81 0.07 36.63 -6.14
C ALA A 81 1.13 35.99 -5.26
N ASP A 82 1.04 34.68 -5.02
CA ASP A 82 2.07 33.95 -4.29
C ASP A 82 2.78 33.05 -5.29
N GLU A 83 3.99 33.44 -5.68
CA GLU A 83 4.75 32.67 -6.66
C GLU A 83 5.30 31.39 -6.04
N ASP A 84 5.51 31.39 -4.72
CA ASP A 84 5.99 30.19 -4.04
C ASP A 84 4.89 29.15 -3.89
N LEU A 85 3.63 29.55 -4.08
CA LEU A 85 2.51 28.64 -3.92
C LEU A 85 2.45 27.63 -5.05
N LEU A 86 3.04 27.96 -6.21
CA LEU A 86 3.12 27.03 -7.33
C LEU A 86 3.94 25.80 -6.99
N THR A 87 5.04 25.98 -6.27
CA THR A 87 5.93 24.88 -5.91
C THR A 87 5.49 24.16 -4.65
N HIS A 88 4.40 24.57 -4.02
CA HIS A 88 3.96 23.94 -2.78
C HIS A 88 3.31 22.59 -3.07
N ASP A 89 3.42 21.68 -2.10
CA ASP A 89 2.96 20.31 -2.28
C ASP A 89 1.44 20.23 -2.27
N ALA A 90 0.90 19.27 -3.03
CA ALA A 90 -0.50 18.90 -2.90
C ALA A 90 -0.79 18.21 -1.59
N ARG A 91 0.19 17.48 -1.05
CA ARG A 91 0.00 16.83 0.25
C ARG A 91 0.01 17.83 1.38
N ASP A 92 0.96 18.77 1.37
CA ASP A 92 0.94 19.90 2.29
C ASP A 92 0.09 21.04 1.73
N TRP A 93 -1.23 20.91 1.85
CA TRP A 93 -2.14 21.86 1.22
C TRP A 93 -2.88 22.69 2.25
N LYS A 94 -2.84 22.26 3.53
CA LYS A 94 -3.60 22.96 4.55
C LYS A 94 -2.92 24.25 4.98
N THR A 95 -1.59 24.29 4.92
CA THR A 95 -0.87 25.55 5.13
C THR A 95 -0.89 26.43 3.89
N ALA A 96 -1.27 25.88 2.74
CA ALA A 96 -1.38 26.67 1.52
C ALA A 96 -2.63 27.55 1.56
N ASP A 97 -2.46 28.79 1.09
CA ASP A 97 -3.58 29.73 1.02
C ASP A 97 -4.38 29.44 -0.24
N LEU A 98 -5.65 29.05 -0.06
CA LEU A 98 -6.46 28.72 -1.23
C LEU A 98 -6.97 29.97 -1.95
N TYR A 99 -7.09 31.09 -1.24
CA TYR A 99 -7.58 32.31 -1.90
C TYR A 99 -6.55 32.88 -2.86
N ALA A 100 -5.26 32.81 -2.50
CA ALA A 100 -4.22 33.15 -3.46
C ALA A 100 -4.13 32.09 -4.55
N ALA A 101 -4.46 30.84 -4.22
CA ALA A 101 -4.47 29.78 -5.22
C ALA A 101 -5.62 29.95 -6.20
N MET A 102 -6.80 30.34 -5.71
CA MET A 102 -7.96 30.53 -6.58
C MET A 102 -7.89 31.83 -7.37
N GLY A 103 -7.01 32.75 -6.98
CA GLY A 103 -6.97 34.05 -7.61
C GLY A 103 -7.88 35.05 -6.94
N LEU A 104 -8.25 34.81 -5.68
CA LEU A 104 -9.08 35.71 -4.90
C LEU A 104 -8.34 36.29 -3.70
N SER A 105 -7.07 36.69 -3.89
CA SER A 105 -6.30 37.24 -2.78
C SER A 105 -6.76 38.65 -2.42
N LYS A 106 -7.42 39.34 -3.34
CA LYS A 106 -7.94 40.67 -3.04
C LYS A 106 -9.17 40.61 -2.13
N LEU A 107 -10.11 39.70 -2.43
CA LEU A 107 -11.40 39.71 -1.76
C LEU A 107 -11.52 38.65 -0.68
N ARG A 108 -10.89 37.48 -0.91
CA ARG A 108 -10.88 36.34 0.01
C ARG A 108 -12.28 35.86 0.39
N PHE A 109 -12.65 36.04 1.65
CA PHE A 109 -13.88 35.46 2.21
C PHE A 109 -15.15 36.04 1.61
N ARG A 110 -15.12 37.28 1.13
CA ARG A 110 -16.36 37.92 0.68
C ARG A 110 -16.73 37.62 -0.76
N ALA A 111 -16.00 36.74 -1.43
CA ALA A 111 -16.36 36.35 -2.80
C ALA A 111 -17.58 35.44 -2.79
N THR A 112 -18.45 35.62 -3.77
CA THR A 112 -19.67 34.83 -3.87
C THR A 112 -19.37 33.45 -4.45
N GLU A 113 -20.41 32.59 -4.42
CA GLU A 113 -20.25 31.21 -4.88
C GLU A 113 -20.04 31.12 -6.38
N SER A 114 -20.76 31.95 -7.15
CA SER A 114 -20.61 31.96 -8.59
C SER A 114 -19.27 32.58 -8.99
N GLN A 115 -18.74 33.48 -8.16
CA GLN A 115 -17.45 34.08 -8.42
C GLN A 115 -16.32 33.06 -8.30
N ILE A 116 -16.47 32.12 -7.35
CA ILE A 116 -15.49 31.04 -7.18
C ILE A 116 -15.49 30.14 -8.41
N ILE A 117 -16.68 29.86 -8.94
CA ILE A 117 -16.82 29.01 -10.13
C ILE A 117 -16.20 29.69 -11.34
N LYS A 118 -16.39 31.00 -11.47
CA LYS A 118 -15.80 31.73 -12.59
C LYS A 118 -14.29 31.87 -12.42
N ALA A 119 -13.83 31.98 -11.17
CA ALA A 119 -12.38 32.01 -10.93
C ALA A 119 -11.75 30.65 -11.19
N HIS A 120 -12.50 29.58 -10.92
CA HIS A 120 -11.99 28.22 -11.16
C HIS A 120 -11.89 27.94 -12.67
N ARG A 121 -12.80 28.52 -13.45
CA ARG A 121 -12.77 28.30 -14.89
C ARG A 121 -11.67 29.11 -15.56
N LYS A 122 -11.24 30.20 -14.93
CA LYS A 122 -10.11 30.96 -15.46
C LYS A 122 -8.80 30.20 -15.25
N GLN A 123 -8.62 29.65 -14.06
CA GLN A 123 -7.33 29.07 -13.69
C GLN A 123 -7.14 27.67 -14.26
N VAL A 124 -8.23 27.05 -14.74
CA VAL A 124 -8.11 25.69 -15.26
C VAL A 124 -7.51 25.70 -16.66
N VAL A 125 -7.64 26.83 -17.38
CA VAL A 125 -7.10 26.90 -18.72
C VAL A 125 -5.76 27.63 -18.73
N LYS A 126 -5.48 28.43 -17.70
CA LYS A 126 -4.16 29.03 -17.56
C LYS A 126 -3.12 27.97 -17.22
N TYR A 127 -3.44 27.10 -16.26
CA TYR A 127 -2.53 26.06 -15.79
C TYR A 127 -2.99 24.68 -16.22
N HIS A 128 -3.46 24.55 -17.46
CA HIS A 128 -3.81 23.25 -18.03
C HIS A 128 -2.57 22.37 -18.11
N PRO A 129 -2.61 21.17 -17.50
CA PRO A 129 -1.41 20.31 -17.50
C PRO A 129 -0.99 19.84 -18.88
N ASP A 130 -1.93 19.66 -19.80
CA ASP A 130 -1.55 19.37 -21.18
C ASP A 130 -0.96 20.60 -21.85
N LYS A 131 -1.47 21.78 -21.50
CA LYS A 131 -0.85 23.02 -22.00
C LYS A 131 0.46 23.30 -21.27
N GLN A 132 0.56 22.91 -20.00
CA GLN A 132 1.84 22.96 -19.29
C GLN A 132 2.83 21.99 -19.91
N SER A 133 2.36 20.83 -20.35
CA SER A 133 3.21 19.93 -21.14
C SER A 133 3.49 20.53 -22.50
N ALA A 134 2.54 21.29 -23.06
CA ALA A 134 2.78 21.99 -24.32
C ALA A 134 3.74 23.15 -24.15
N ALA A 135 3.70 23.82 -23.00
CA ALA A 135 4.61 24.93 -22.73
C ALA A 135 5.92 24.48 -22.12
N GLY A 136 6.13 23.17 -21.97
CA GLY A 136 7.38 22.67 -21.43
C GLY A 136 7.49 22.75 -19.93
N GLY A 137 6.40 23.01 -19.23
CA GLY A 137 6.44 23.05 -17.78
C GLY A 137 6.56 21.66 -17.18
N SER A 138 7.08 21.62 -15.95
CA SER A 138 7.31 20.36 -15.26
C SER A 138 6.02 19.83 -14.64
N LEU A 139 6.15 18.71 -13.94
CA LEU A 139 5.01 18.13 -13.23
C LEU A 139 4.80 18.78 -11.86
N ASP A 140 5.67 19.72 -11.47
CA ASP A 140 5.51 20.42 -10.20
C ASP A 140 4.32 21.36 -10.23
N GLN A 141 3.98 21.90 -11.40
CA GLN A 141 2.78 22.72 -11.54
C GLN A 141 1.51 21.89 -11.46
N ASP A 142 1.59 20.60 -11.78
CA ASP A 142 0.44 19.71 -11.62
C ASP A 142 0.17 19.43 -10.16
N GLY A 143 1.20 19.50 -9.31
CA GLY A 143 0.98 19.46 -7.87
C GLY A 143 0.22 20.68 -7.38
N PHE A 144 0.44 21.82 -8.03
CA PHE A 144 -0.36 23.00 -7.75
C PHE A 144 -1.76 22.88 -8.34
N PHE A 145 -1.94 22.00 -9.32
CA PHE A 145 -3.26 21.80 -9.89
C PHE A 145 -4.15 21.02 -8.92
N LYS A 146 -3.55 20.10 -8.15
CA LYS A 146 -4.33 19.37 -7.15
C LYS A 146 -4.73 20.29 -6.00
N ILE A 147 -3.97 21.37 -5.78
CA ILE A 147 -4.45 22.46 -4.94
C ILE A 147 -5.68 23.11 -5.58
N ILE A 148 -5.61 23.38 -6.89
CA ILE A 148 -6.69 24.04 -7.62
C ILE A 148 -7.93 23.16 -7.67
N GLN A 149 -7.73 21.83 -7.75
CA GLN A 149 -8.83 20.88 -7.81
C GLN A 149 -9.69 20.94 -6.54
N LYS A 150 -9.10 20.61 -5.40
CA LYS A 150 -9.92 20.41 -4.20
C LYS A 150 -10.18 21.72 -3.46
N ALA A 151 -9.67 22.83 -3.97
CA ALA A 151 -10.09 24.14 -3.46
C ALA A 151 -11.52 24.44 -3.89
N PHE A 152 -11.96 23.86 -5.01
CA PHE A 152 -13.28 24.16 -5.55
C PHE A 152 -14.37 23.53 -4.69
N GLU A 153 -14.20 22.27 -4.30
CA GLU A 153 -15.22 21.62 -3.47
C GLU A 153 -15.18 22.14 -2.04
N THR A 154 -14.00 22.57 -1.58
CA THR A 154 -13.89 23.19 -0.26
C THR A 154 -14.59 24.54 -0.21
N LEU A 155 -14.50 25.32 -1.29
CA LEU A 155 -15.09 26.65 -1.29
C LEU A 155 -16.52 26.67 -1.84
N THR A 156 -17.05 25.54 -2.30
CA THR A 156 -18.47 25.52 -2.64
C THR A 156 -19.30 24.89 -1.54
N ASP A 157 -18.66 24.22 -0.58
CA ASP A 157 -19.35 23.72 0.58
C ASP A 157 -19.60 24.88 1.53
N SER A 158 -20.80 24.93 2.11
CA SER A 158 -21.11 25.99 3.06
C SER A 158 -20.30 25.85 4.35
N ASN A 159 -20.05 24.61 4.78
CA ASN A 159 -19.32 24.38 6.03
C ASN A 159 -17.82 24.53 5.77
N LYS A 160 -17.31 23.91 4.71
CA LYS A 160 -15.86 23.81 4.52
C LYS A 160 -15.24 25.16 4.16
N ARG A 161 -15.95 25.98 3.38
CA ARG A 161 -15.50 27.33 3.12
C ARG A 161 -15.50 28.17 4.39
N ALA A 162 -16.56 28.03 5.19
CA ALA A 162 -16.64 28.75 6.46
C ALA A 162 -15.59 28.25 7.44
N GLN A 163 -15.24 26.97 7.36
CA GLN A 163 -14.12 26.46 8.14
C GLN A 163 -12.80 27.04 7.67
N TYR A 164 -12.67 27.24 6.36
CA TYR A 164 -11.46 27.87 5.83
C TYR A 164 -11.48 29.38 6.09
N ASP A 165 -12.66 29.97 6.15
CA ASP A 165 -12.77 31.37 6.54
C ASP A 165 -12.46 31.56 8.01
N SER A 166 -12.61 30.50 8.81
CA SER A 166 -12.31 30.58 10.23
C SER A 166 -10.81 30.62 10.52
N CYS A 167 -9.98 30.15 9.60
CA CYS A 167 -8.53 30.08 9.83
C CYS A 167 -7.74 31.04 8.96
N ASP A 168 -8.39 31.99 8.29
CA ASP A 168 -7.72 32.87 7.35
C ASP A 168 -6.99 33.97 8.11
N PHE A 169 -5.73 33.67 8.47
CA PHE A 169 -4.93 34.62 9.23
C PHE A 169 -4.38 35.75 8.37
N VAL A 170 -4.36 35.59 7.05
CA VAL A 170 -3.92 36.67 6.17
C VAL A 170 -4.91 37.82 6.18
N ALA A 171 -6.21 37.51 6.12
CA ALA A 171 -7.25 38.52 6.25
C ALA A 171 -7.37 39.07 7.66
N ASP A 172 -6.82 38.39 8.66
CA ASP A 172 -6.80 38.90 10.02
C ASP A 172 -5.88 40.11 10.09
N VAL A 173 -6.47 41.30 10.07
CA VAL A 173 -5.72 42.55 10.20
C VAL A 173 -5.38 42.76 11.68
N PRO A 174 -4.12 43.02 12.01
CA PRO A 174 -3.78 43.23 13.41
C PRO A 174 -4.25 44.58 13.89
N PRO A 175 -4.40 44.76 15.20
CA PRO A 175 -4.59 46.11 15.74
C PRO A 175 -3.34 46.93 15.57
N PRO A 176 -3.46 48.26 15.52
CA PRO A 176 -2.28 49.12 15.26
C PRO A 176 -1.28 49.10 16.40
N LYS A 177 -0.06 49.53 16.08
CA LYS A 177 1.07 49.43 17.00
C LYS A 177 0.94 50.40 18.16
N LYS A 178 1.34 49.94 19.35
CA LYS A 178 1.30 50.78 20.53
C LYS A 178 2.40 51.83 20.50
N GLY A 179 2.12 53.00 21.08
CA GLY A 179 3.10 54.06 21.20
C GLY A 179 3.23 54.98 20.02
N THR A 180 2.52 54.71 18.93
CA THR A 180 2.59 55.55 17.74
C THR A 180 1.44 56.56 17.74
N ASP A 181 1.60 57.60 16.92
CA ASP A 181 0.57 58.62 16.77
C ASP A 181 -0.29 58.29 15.55
N TYR A 182 -1.59 58.17 15.76
CA TYR A 182 -2.50 57.79 14.68
C TYR A 182 -3.90 58.32 14.99
N ASP A 183 -4.69 58.43 13.95
CA ASP A 183 -6.12 58.72 14.10
C ASP A 183 -6.81 57.46 14.61
N PHE A 184 -7.69 57.62 15.61
CA PHE A 184 -8.34 56.47 16.22
C PHE A 184 -9.37 55.85 15.28
N TYR A 185 -10.08 56.67 14.52
CA TYR A 185 -11.10 56.16 13.62
C TYR A 185 -10.50 55.67 12.31
N GLU A 186 -9.25 56.01 12.02
CA GLU A 186 -8.64 55.59 10.76
C GLU A 186 -7.75 54.36 10.94
N ALA A 187 -7.08 54.23 12.08
CA ALA A 187 -6.20 53.09 12.29
C ALA A 187 -6.96 51.90 12.83
N TRP A 188 -7.92 52.12 13.74
CA TRP A 188 -8.83 51.08 14.18
C TRP A 188 -10.03 50.94 13.26
N GLY A 189 -10.07 51.71 12.16
CA GLY A 189 -11.12 51.66 11.17
C GLY A 189 -11.32 50.31 10.54
N PRO A 190 -10.36 49.82 9.76
CA PRO A 190 -10.52 48.49 9.15
C PRO A 190 -10.39 47.32 10.11
N VAL A 191 -10.01 47.57 11.37
CA VAL A 191 -9.72 46.48 12.30
C VAL A 191 -10.98 45.73 12.70
N PHE A 192 -12.05 46.46 13.00
CA PHE A 192 -13.18 45.81 13.65
C PHE A 192 -14.08 45.05 12.67
N GLU A 193 -13.84 45.17 11.36
CA GLU A 193 -14.56 44.33 10.42
C GLU A 193 -13.90 42.96 10.26
N ALA A 194 -12.69 42.81 10.79
CA ALA A 194 -12.02 41.51 10.69
C ALA A 194 -12.68 40.48 11.59
N GLU A 195 -13.30 40.92 12.68
CA GLU A 195 -14.06 40.01 13.51
C GLU A 195 -15.55 40.15 13.29
N ALA A 196 -15.98 41.21 12.59
CA ALA A 196 -17.40 41.37 12.29
C ALA A 196 -17.87 40.33 11.26
N ARG A 197 -16.93 39.76 10.51
CA ARG A 197 -17.26 38.59 9.69
C ARG A 197 -17.48 37.35 10.54
N PHE A 198 -16.99 37.34 11.78
CA PHE A 198 -17.23 36.26 12.71
C PHE A 198 -18.42 36.52 13.62
N SER A 199 -19.14 37.61 13.39
CA SER A 199 -20.31 37.91 14.21
C SER A 199 -21.47 37.00 13.84
N LYS A 200 -22.05 36.34 14.83
CA LYS A 200 -23.31 35.65 14.63
C LYS A 200 -24.49 36.60 14.63
N LYS A 201 -24.31 37.83 15.10
CA LYS A 201 -25.41 38.76 15.32
C LYS A 201 -25.44 39.81 14.21
N THR A 202 -26.65 40.09 13.75
CA THR A 202 -26.98 41.05 12.69
C THR A 202 -28.10 41.94 13.20
N PRO A 203 -27.98 43.28 13.08
CA PRO A 203 -27.00 44.14 12.40
C PRO A 203 -25.66 44.32 13.10
N ILE A 204 -24.68 44.82 12.35
CA ILE A 204 -23.36 45.11 12.87
C ILE A 204 -23.31 46.59 13.24
N PRO A 205 -23.09 46.92 14.50
CA PRO A 205 -22.87 48.33 14.87
C PRO A 205 -21.56 48.85 14.29
N SER A 206 -21.55 50.12 13.93
CA SER A 206 -20.36 50.74 13.37
C SER A 206 -19.64 51.58 14.41
N LEU A 207 -18.36 51.84 14.15
CA LEU A 207 -17.57 52.66 15.07
C LEU A 207 -18.02 54.11 15.07
N GLY A 208 -18.38 54.65 13.90
CA GLY A 208 -18.86 56.01 13.84
C GLY A 208 -17.74 57.03 13.74
N ASN A 209 -18.05 58.24 14.21
CA ASN A 209 -17.13 59.36 14.13
C ASN A 209 -16.95 60.03 15.49
N LYS A 210 -16.29 61.20 15.50
CA LYS A 210 -16.10 61.94 16.74
C LYS A 210 -17.40 62.51 17.28
N ASP A 211 -18.36 62.81 16.39
CA ASP A 211 -19.65 63.36 16.79
C ASP A 211 -20.69 62.30 17.11
N SER A 212 -20.26 61.07 17.39
CA SER A 212 -21.20 60.02 17.75
C SER A 212 -21.77 60.25 19.15
N SER A 213 -23.02 59.87 19.34
CA SER A 213 -23.68 60.04 20.63
C SER A 213 -23.16 59.02 21.64
N LYS A 214 -23.43 59.30 22.92
CA LYS A 214 -22.97 58.42 23.99
C LYS A 214 -23.72 57.10 23.99
N LYS A 215 -24.99 57.13 23.56
CA LYS A 215 -25.79 55.91 23.50
C LYS A 215 -25.28 54.96 22.41
N GLU A 216 -24.81 55.52 21.30
CA GLU A 216 -24.26 54.69 20.22
C GLU A 216 -22.93 54.07 20.61
N VAL A 217 -22.15 54.76 21.45
CA VAL A 217 -20.92 54.17 21.98
C VAL A 217 -21.25 53.05 22.95
N GLU A 218 -22.29 53.23 23.78
CA GLU A 218 -22.71 52.18 24.70
C GLU A 218 -23.34 51.01 23.95
N GLN A 219 -24.00 51.28 22.83
CA GLN A 219 -24.54 50.20 22.01
C GLN A 219 -23.42 49.52 21.22
N PHE A 220 -22.31 50.22 20.99
CA PHE A 220 -21.17 49.62 20.31
C PHE A 220 -20.49 48.60 21.20
N TYR A 221 -19.97 49.05 22.35
CA TYR A 221 -19.11 48.19 23.16
C TYR A 221 -19.87 47.04 23.80
N ALA A 222 -21.18 47.19 24.01
CA ALA A 222 -21.98 46.09 24.51
C ALA A 222 -22.12 44.98 23.47
N PHE A 223 -22.16 45.36 22.19
CA PHE A 223 -22.14 44.37 21.12
C PHE A 223 -20.82 43.61 21.12
N TRP A 224 -19.71 44.34 21.29
CA TRP A 224 -18.40 43.70 21.35
C TRP A 224 -18.16 42.99 22.68
N HIS A 225 -18.78 43.44 23.77
CA HIS A 225 -18.58 42.71 25.02
C HIS A 225 -19.41 41.44 25.07
N ARG A 226 -20.61 41.46 24.51
CA ARG A 226 -21.45 40.26 24.40
C ARG A 226 -21.31 39.61 23.02
N PHE A 227 -20.09 39.64 22.48
CA PHE A 227 -19.87 39.22 21.10
C PHE A 227 -20.02 37.71 20.94
N ASP A 228 -20.58 37.31 19.81
CA ASP A 228 -20.87 35.91 19.50
C ASP A 228 -20.06 35.47 18.28
N SER A 229 -19.00 34.70 18.55
CA SER A 229 -18.13 34.24 17.48
C SER A 229 -18.48 32.81 17.09
N TRP A 230 -18.68 32.59 15.79
CA TRP A 230 -18.92 31.24 15.27
C TRP A 230 -17.64 30.55 14.82
N ARG A 231 -16.47 31.15 15.06
CA ARG A 231 -15.21 30.63 14.55
C ARG A 231 -14.86 29.27 15.15
N THR A 232 -14.66 28.30 14.26
CA THR A 232 -14.33 26.94 14.64
C THR A 232 -12.92 26.61 14.15
N PHE A 233 -12.42 25.45 14.57
CA PHE A 233 -11.02 25.10 14.32
C PHE A 233 -10.86 23.64 13.90
N GLU A 234 -11.78 23.11 13.10
CA GLU A 234 -11.60 21.75 12.60
C GLU A 234 -10.53 21.69 11.52
N PHE A 235 -10.24 22.81 10.86
CA PHE A 235 -9.23 22.81 9.81
C PHE A 235 -7.83 22.74 10.39
N LEU A 236 -7.65 23.12 11.65
CA LEU A 236 -6.34 23.03 12.30
C LEU A 236 -6.07 21.64 12.86
N ASP A 237 -6.84 20.64 12.47
CA ASP A 237 -6.62 19.28 12.92
C ASP A 237 -5.41 18.68 12.22
N GLU A 238 -4.33 18.48 12.96
CA GLU A 238 -3.16 17.80 12.40
C GLU A 238 -3.42 16.30 12.25
N ASP A 239 -4.14 15.71 13.21
CA ASP A 239 -4.53 14.30 13.16
C ASP A 239 -6.01 14.24 12.80
N VAL A 240 -6.31 13.54 11.71
CA VAL A 240 -7.68 13.40 11.22
C VAL A 240 -8.10 11.94 11.44
N PRO A 241 -9.40 11.67 11.62
CA PRO A 241 -9.82 10.26 11.81
C PRO A 241 -9.73 9.48 10.50
N ASP A 242 -8.79 8.54 10.46
CA ASP A 242 -8.67 7.67 9.30
C ASP A 242 -9.75 6.60 9.32
N ASP A 243 -10.13 6.15 8.12
CA ASP A 243 -11.13 5.09 8.02
C ASP A 243 -10.51 3.72 8.28
N SER A 244 -9.18 3.61 8.28
CA SER A 244 -8.50 2.37 8.59
C SER A 244 -8.28 2.17 10.08
N SER A 245 -8.66 3.15 10.90
CA SER A 245 -8.52 3.01 12.34
C SER A 245 -9.60 2.10 12.90
N ASN A 246 -9.33 1.54 14.08
CA ASN A 246 -10.37 0.83 14.81
C ASN A 246 -11.19 1.82 15.64
N ARG A 247 -12.11 1.29 16.44
CA ARG A 247 -13.15 2.12 17.07
C ARG A 247 -12.58 3.06 18.14
N ASP A 248 -11.55 2.63 18.87
CA ASP A 248 -11.01 3.50 19.91
C ASP A 248 -10.12 4.60 19.33
N HIS A 249 -9.49 4.36 18.18
CA HIS A 249 -8.56 5.33 17.62
C HIS A 249 -9.27 6.52 17.01
N LYS A 250 -10.50 6.31 16.50
CA LYS A 250 -11.27 7.43 15.99
C LYS A 250 -11.82 8.28 17.14
N ARG A 251 -12.02 7.66 18.31
CA ARG A 251 -12.40 8.44 19.48
C ARG A 251 -11.22 9.18 20.08
N TYR A 252 -10.03 8.56 20.06
CA TYR A 252 -8.84 9.14 20.70
C TYR A 252 -8.37 10.39 19.97
N ILE A 253 -8.51 10.41 18.65
CA ILE A 253 -8.13 11.58 17.86
C ILE A 253 -9.09 12.74 18.13
N GLU A 254 -10.39 12.41 18.27
CA GLU A 254 -11.43 13.42 18.37
C GLU A 254 -11.34 14.24 19.66
N ARG A 255 -11.04 13.59 20.79
CA ARG A 255 -10.89 14.33 22.05
C ARG A 255 -9.65 15.19 22.03
N LYS A 256 -8.60 14.75 21.34
CA LYS A 256 -7.42 15.58 21.15
C LYS A 256 -7.71 16.73 20.20
N ASN A 257 -8.50 16.46 19.16
CA ASN A 257 -8.82 17.51 18.18
C ASN A 257 -9.76 18.54 18.77
N LYS A 258 -10.65 18.11 19.66
CA LYS A 258 -11.50 19.06 20.38
C LYS A 258 -10.65 19.88 21.34
N ALA A 259 -9.62 19.27 21.92
CA ALA A 259 -8.74 19.97 22.86
C ALA A 259 -7.95 21.05 22.16
N ALA A 260 -7.63 20.85 20.88
CA ALA A 260 -7.05 21.93 20.10
C ALA A 260 -8.08 23.01 19.81
N ARG A 261 -9.34 22.62 19.64
CA ARG A 261 -10.36 23.57 19.20
C ARG A 261 -10.72 24.55 20.30
N ASP A 262 -11.01 24.05 21.50
CA ASP A 262 -11.50 24.93 22.56
C ASP A 262 -10.39 25.79 23.14
N LYS A 263 -9.16 25.28 23.11
CA LYS A 263 -8.01 26.10 23.53
C LYS A 263 -7.81 27.28 22.59
N LYS A 264 -7.87 27.03 21.28
CA LYS A 264 -7.71 28.12 20.32
C LYS A 264 -8.97 28.97 20.25
N LYS A 265 -10.12 28.40 20.64
CA LYS A 265 -11.33 29.22 20.76
C LYS A 265 -11.22 30.19 21.91
N THR A 266 -10.82 29.70 23.09
CA THR A 266 -10.77 30.53 24.27
C THR A 266 -9.64 31.56 24.19
N ALA A 267 -8.50 31.15 23.61
CA ALA A 267 -7.37 32.09 23.48
C ALA A 267 -7.69 33.21 22.52
N ASP A 268 -8.34 32.89 21.40
CA ASP A 268 -8.77 33.94 20.48
C ASP A 268 -9.90 34.76 21.07
N ASN A 269 -10.77 34.13 21.87
CA ASN A 269 -11.81 34.88 22.57
C ASN A 269 -11.19 35.80 23.61
N ALA A 270 -10.17 35.33 24.32
CA ALA A 270 -9.42 36.21 25.21
C ALA A 270 -8.67 37.26 24.43
N ARG A 271 -8.15 36.91 23.25
CA ARG A 271 -7.55 37.88 22.34
C ARG A 271 -8.60 38.88 21.88
N LEU A 272 -9.82 38.40 21.62
CA LEU A 272 -10.91 39.29 21.26
C LEU A 272 -11.35 40.14 22.44
N VAL A 273 -11.29 39.59 23.65
CA VAL A 273 -11.56 40.38 24.85
C VAL A 273 -10.50 41.46 25.02
N LYS A 274 -9.23 41.09 24.79
CA LYS A 274 -8.16 42.10 24.77
C LYS A 274 -8.31 43.03 23.58
N LEU A 275 -8.92 42.55 22.49
CA LEU A 275 -9.27 43.46 21.40
C LEU A 275 -10.39 44.40 21.82
N VAL A 276 -11.31 43.92 22.65
CA VAL A 276 -12.36 44.79 23.19
C VAL A 276 -11.76 45.76 24.21
N GLU A 277 -10.91 45.25 25.11
CA GLU A 277 -10.50 46.03 26.26
C GLU A 277 -9.46 47.10 25.90
N ARG A 278 -8.68 46.86 24.83
CA ARG A 278 -7.71 47.87 24.41
C ARG A 278 -8.39 49.06 23.74
N ALA A 279 -9.46 48.80 22.99
CA ALA A 279 -10.15 49.87 22.28
C ALA A 279 -10.93 50.79 23.22
N VAL A 280 -11.26 50.29 24.42
CA VAL A 280 -11.91 51.11 25.43
C VAL A 280 -10.95 52.18 25.96
N SER A 281 -9.71 51.77 26.26
CA SER A 281 -8.73 52.71 26.80
C SER A 281 -8.20 53.65 25.73
N GLU A 282 -8.10 53.18 24.49
CA GLU A 282 -7.61 54.01 23.39
C GLU A 282 -8.76 54.69 22.66
N MET B 1 -24.80 -2.94 -16.85
CA MET B 1 -23.77 -3.32 -15.89
C MET B 1 -22.75 -4.25 -16.53
N SER B 2 -21.47 -3.99 -16.25
CA SER B 2 -20.41 -4.85 -16.76
C SER B 2 -20.40 -6.18 -16.02
N SER B 3 -19.69 -7.15 -16.57
CA SER B 3 -19.56 -8.45 -15.94
C SER B 3 -18.76 -8.33 -14.65
N PRO B 4 -19.10 -9.13 -13.62
CA PRO B 4 -18.27 -9.14 -12.41
C PRO B 4 -16.89 -9.70 -12.70
N VAL B 5 -15.88 -9.14 -12.05
CA VAL B 5 -14.50 -9.55 -12.21
C VAL B 5 -14.00 -10.09 -10.87
N ILE B 6 -13.32 -11.22 -10.92
CA ILE B 6 -12.89 -11.94 -9.72
C ILE B 6 -11.39 -12.17 -9.80
N GLY B 7 -10.79 -12.47 -8.65
CA GLY B 7 -9.38 -12.74 -8.57
C GLY B 7 -9.12 -14.23 -8.45
N ILE B 8 -8.11 -14.71 -9.17
CA ILE B 8 -7.74 -16.12 -9.17
C ILE B 8 -6.31 -16.25 -8.69
N THR B 9 -6.12 -16.98 -7.60
CA THR B 9 -4.82 -17.51 -7.23
C THR B 9 -4.83 -18.99 -7.59
N PHE B 10 -4.08 -19.36 -8.61
CA PHE B 10 -4.00 -20.74 -9.05
C PHE B 10 -2.70 -21.29 -8.47
N GLY B 11 -2.82 -22.30 -7.62
CA GLY B 11 -1.69 -22.86 -6.92
C GLY B 11 -1.49 -24.34 -7.20
N ASN B 12 -0.31 -24.82 -6.77
CA ASN B 12 -0.01 -26.24 -6.85
C ASN B 12 -0.95 -27.06 -5.99
N THR B 13 -1.21 -26.58 -4.77
CA THR B 13 -1.92 -27.33 -3.76
C THR B 13 -3.32 -26.80 -3.49
N SER B 14 -3.58 -25.52 -3.78
CA SER B 14 -4.86 -24.91 -3.47
C SER B 14 -5.16 -23.78 -4.43
N SER B 15 -6.44 -23.58 -4.71
CA SER B 15 -6.91 -22.46 -5.51
C SER B 15 -8.03 -21.75 -4.76
N SER B 16 -8.05 -20.43 -4.88
CA SER B 16 -8.93 -19.59 -4.09
C SER B 16 -9.50 -18.49 -4.97
N ILE B 17 -10.74 -18.10 -4.65
CA ILE B 17 -11.49 -17.11 -5.41
C ILE B 17 -11.85 -15.96 -4.49
N ALA B 18 -11.63 -14.72 -4.95
CA ALA B 18 -12.00 -13.54 -4.21
C ALA B 18 -12.83 -12.62 -5.10
N TYR B 19 -13.72 -11.85 -4.46
CA TYR B 19 -14.68 -11.04 -5.19
C TYR B 19 -15.05 -9.84 -4.33
N ILE B 20 -15.20 -8.69 -4.95
CA ILE B 20 -15.49 -7.44 -4.25
C ILE B 20 -17.02 -7.27 -4.19
N ASN B 21 -17.56 -7.27 -2.98
CA ASN B 21 -19.00 -7.19 -2.77
C ASN B 21 -19.52 -5.78 -3.09
N PRO B 22 -20.84 -5.63 -3.25
CA PRO B 22 -21.41 -4.27 -3.35
C PRO B 22 -21.20 -3.40 -2.12
N LYS B 23 -20.87 -3.98 -0.96
CA LYS B 23 -20.43 -3.22 0.20
C LYS B 23 -18.97 -2.78 0.10
N ASN B 24 -18.32 -3.04 -1.03
CA ASN B 24 -16.95 -2.62 -1.35
C ASN B 24 -15.91 -3.19 -0.39
N ASP B 25 -16.02 -4.48 -0.06
CA ASP B 25 -15.00 -5.21 0.68
C ASP B 25 -14.73 -6.55 0.01
N VAL B 26 -13.76 -7.28 0.54
CA VAL B 26 -13.41 -8.58 -0.01
C VAL B 26 -14.27 -9.65 0.64
N ASP B 27 -14.79 -10.56 -0.19
CA ASP B 27 -15.51 -11.75 0.29
C ASP B 27 -14.92 -12.97 -0.39
N VAL B 28 -14.70 -14.02 0.39
CA VAL B 28 -14.06 -15.22 -0.11
C VAL B 28 -15.14 -16.15 -0.62
N ILE B 29 -15.00 -16.59 -1.87
CA ILE B 29 -15.98 -17.51 -2.44
C ILE B 29 -15.58 -18.94 -2.09
N ALA B 30 -16.47 -19.66 -1.43
CA ALA B 30 -16.22 -21.03 -1.04
C ALA B 30 -16.78 -21.99 -2.08
N ASN B 31 -16.32 -23.24 -2.02
CA ASN B 31 -16.79 -24.28 -2.93
C ASN B 31 -18.14 -24.81 -2.45
N PRO B 32 -18.83 -25.67 -3.22
CA PRO B 32 -19.99 -26.38 -2.66
C PRO B 32 -19.66 -27.29 -1.48
N ASP B 33 -18.41 -27.70 -1.30
CA ASP B 33 -18.03 -28.54 -0.17
C ASP B 33 -17.64 -27.73 1.06
N GLY B 34 -17.71 -26.40 1.01
CA GLY B 34 -17.51 -25.57 2.18
C GLY B 34 -16.08 -25.24 2.53
N GLU B 35 -15.11 -25.57 1.66
CA GLU B 35 -13.71 -25.29 1.94
C GLU B 35 -13.26 -24.13 1.04
N ARG B 36 -12.63 -23.12 1.64
CA ARG B 36 -12.29 -21.90 0.93
C ARG B 36 -11.17 -22.09 -0.08
N ALA B 37 -10.05 -22.68 0.35
CA ALA B 37 -8.93 -22.95 -0.56
C ALA B 37 -9.19 -24.30 -1.22
N ILE B 38 -9.72 -24.24 -2.44
CA ILE B 38 -10.06 -25.43 -3.21
C ILE B 38 -8.78 -26.10 -3.72
N PRO B 39 -8.55 -27.37 -3.39
CA PRO B 39 -7.33 -28.05 -3.85
C PRO B 39 -7.30 -28.26 -5.36
N SER B 40 -6.09 -28.28 -5.91
CA SER B 40 -5.87 -28.43 -7.34
C SER B 40 -5.66 -29.89 -7.70
N ALA B 41 -6.77 -30.63 -7.72
CA ALA B 41 -6.72 -32.05 -8.01
C ALA B 41 -7.99 -32.47 -8.73
N LEU B 42 -7.85 -33.40 -9.68
CA LEU B 42 -8.97 -33.96 -10.41
C LEU B 42 -8.90 -35.48 -10.35
N SER B 43 -10.02 -36.10 -9.99
CA SER B 43 -10.12 -37.54 -9.95
C SER B 43 -11.35 -37.99 -10.74
N TYR B 44 -11.13 -38.96 -11.62
CA TYR B 44 -12.17 -39.53 -12.46
C TYR B 44 -12.56 -40.89 -11.91
N VAL B 45 -13.84 -41.05 -11.59
CA VAL B 45 -14.39 -42.36 -11.22
C VAL B 45 -15.35 -42.73 -12.33
N GLY B 46 -14.85 -43.48 -13.31
CA GLY B 46 -15.64 -43.79 -14.50
C GLY B 46 -15.87 -42.53 -15.30
N GLU B 47 -17.14 -42.25 -15.58
CA GLU B 47 -17.52 -41.04 -16.28
C GLU B 47 -17.56 -39.82 -15.36
N ASP B 48 -17.76 -40.03 -14.07
CA ASP B 48 -17.87 -38.93 -13.13
C ASP B 48 -16.52 -38.28 -12.86
N GLU B 49 -16.56 -36.98 -12.55
CA GLU B 49 -15.37 -36.17 -12.33
C GLU B 49 -15.47 -35.48 -10.97
N TYR B 50 -14.38 -35.51 -10.22
CA TYR B 50 -14.34 -34.89 -8.91
C TYR B 50 -13.20 -33.88 -8.81
N HIS B 51 -13.40 -32.86 -7.97
CA HIS B 51 -12.43 -31.80 -7.76
C HIS B 51 -12.27 -31.51 -6.28
N GLY B 52 -11.14 -30.89 -5.95
CA GLY B 52 -10.93 -30.38 -4.61
C GLY B 52 -10.39 -31.43 -3.67
N GLY B 53 -10.75 -31.29 -2.40
CA GLY B 53 -10.37 -32.28 -1.40
C GLY B 53 -11.12 -33.59 -1.60
N GLN B 54 -12.28 -33.53 -2.26
CA GLN B 54 -12.96 -34.74 -2.68
C GLN B 54 -12.11 -35.54 -3.67
N ALA B 55 -11.46 -34.86 -4.62
CA ALA B 55 -10.62 -35.55 -5.58
C ALA B 55 -9.32 -36.04 -4.94
N LEU B 56 -8.91 -35.42 -3.84
CA LEU B 56 -7.72 -35.88 -3.14
C LEU B 56 -8.00 -37.16 -2.37
N GLN B 57 -9.28 -37.44 -2.11
CA GLN B 57 -9.67 -38.66 -1.41
C GLN B 57 -9.43 -39.92 -2.26
N GLN B 58 -9.58 -39.84 -3.58
CA GLN B 58 -9.36 -41.03 -4.38
C GLN B 58 -7.90 -41.25 -4.71
N LEU B 59 -7.00 -40.37 -4.24
CA LEU B 59 -5.58 -40.57 -4.49
C LEU B 59 -5.05 -41.80 -3.78
N ILE B 60 -5.59 -42.11 -2.61
CA ILE B 60 -5.17 -43.31 -1.90
C ILE B 60 -5.76 -44.56 -2.56
N ARG B 61 -6.93 -44.43 -3.19
CA ARG B 61 -7.63 -45.59 -3.73
C ARG B 61 -7.45 -45.76 -5.23
N ASN B 62 -7.51 -44.68 -6.00
CA ASN B 62 -7.32 -44.76 -7.45
C ASN B 62 -6.23 -43.78 -7.85
N PRO B 63 -4.96 -44.11 -7.59
CA PRO B 63 -3.90 -43.12 -7.83
C PRO B 63 -3.56 -42.94 -9.30
N LYS B 64 -3.85 -43.94 -10.13
CA LYS B 64 -3.50 -43.84 -11.54
C LYS B 64 -4.43 -42.90 -12.30
N ASN B 65 -5.59 -42.58 -11.73
CA ASN B 65 -6.54 -41.68 -12.37
C ASN B 65 -6.87 -40.52 -11.44
N THR B 66 -5.85 -39.96 -10.79
CA THR B 66 -5.95 -38.77 -9.96
C THR B 66 -4.73 -37.91 -10.26
N ILE B 67 -4.95 -36.67 -10.64
CA ILE B 67 -3.87 -35.79 -11.09
C ILE B 67 -3.64 -34.71 -10.05
N ILE B 68 -2.40 -34.24 -9.95
CA ILE B 68 -1.98 -33.33 -8.90
C ILE B 68 -0.74 -32.59 -9.40
N ASN B 69 -0.56 -31.36 -8.88
CA ASN B 69 0.64 -30.54 -9.08
C ASN B 69 0.88 -30.22 -10.55
N PHE B 70 -0.19 -29.93 -11.29
CA PHE B 70 -0.11 -29.69 -12.72
C PHE B 70 0.18 -28.24 -13.08
N ARG B 71 0.64 -27.42 -12.14
CA ARG B 71 0.97 -26.04 -12.44
C ARG B 71 2.34 -25.91 -13.09
N ASP B 72 3.29 -26.75 -12.68
CA ASP B 72 4.65 -26.56 -13.17
C ASP B 72 4.87 -27.21 -14.54
N PHE B 73 3.90 -27.94 -15.08
CA PHE B 73 4.03 -28.54 -16.41
C PHE B 73 3.36 -27.74 -17.52
N ILE B 74 2.79 -26.57 -17.21
CA ILE B 74 2.07 -25.84 -18.24
C ILE B 74 3.05 -24.98 -19.04
N GLY B 75 2.82 -24.89 -20.35
CA GLY B 75 3.59 -24.04 -21.24
C GLY B 75 4.99 -24.50 -21.59
N LEU B 76 5.45 -25.62 -21.06
CA LEU B 76 6.81 -26.01 -21.43
C LEU B 76 6.83 -27.49 -21.78
N PRO B 77 7.76 -27.94 -22.63
CA PRO B 77 7.79 -29.35 -23.01
C PRO B 77 8.17 -30.29 -21.87
N PHE B 78 8.01 -31.59 -22.12
CA PHE B 78 8.11 -32.58 -21.06
C PHE B 78 9.54 -32.76 -20.57
N ASP B 79 10.53 -32.56 -21.44
CA ASP B 79 11.93 -32.77 -21.12
C ASP B 79 12.46 -31.79 -20.08
N LYS B 80 11.82 -30.64 -19.91
CA LYS B 80 12.16 -29.69 -18.85
C LYS B 80 11.34 -29.91 -17.59
N CYS B 81 10.56 -30.98 -17.50
CA CYS B 81 9.67 -31.22 -16.37
C CYS B 81 10.09 -32.47 -15.62
N ASP B 82 10.03 -32.40 -14.29
CA ASP B 82 10.32 -33.55 -13.42
C ASP B 82 9.05 -34.38 -13.27
N VAL B 83 9.11 -35.61 -13.80
CA VAL B 83 7.97 -36.52 -13.75
C VAL B 83 7.77 -37.12 -12.37
N SER B 84 8.80 -37.16 -11.52
CA SER B 84 8.70 -37.83 -10.23
C SER B 84 7.92 -37.00 -9.21
N LYS B 85 7.64 -35.73 -9.52
CA LYS B 85 6.79 -34.92 -8.65
C LYS B 85 5.35 -35.41 -8.63
N CYS B 86 4.81 -35.82 -9.77
CA CYS B 86 3.50 -36.45 -9.83
C CYS B 86 3.61 -37.97 -9.91
N ALA B 87 4.66 -38.56 -9.33
CA ALA B 87 4.79 -40.01 -9.33
C ALA B 87 3.79 -40.68 -8.40
N ASN B 88 3.31 -39.95 -7.40
CA ASN B 88 2.25 -40.43 -6.52
C ASN B 88 0.88 -40.31 -7.15
N GLY B 89 0.69 -39.35 -8.06
CA GLY B 89 -0.58 -39.21 -8.75
C GLY B 89 -0.57 -39.94 -10.06
N ALA B 90 -1.28 -39.41 -11.05
CA ALA B 90 -1.29 -40.04 -12.37
C ALA B 90 0.04 -39.81 -13.06
N PRO B 91 0.52 -40.78 -13.85
CA PRO B 91 1.75 -40.58 -14.63
C PRO B 91 1.61 -39.47 -15.66
N ALA B 92 2.68 -38.70 -15.84
CA ALA B 92 2.74 -37.68 -16.87
C ALA B 92 3.44 -38.23 -18.11
N VAL B 93 2.76 -38.17 -19.26
CA VAL B 93 3.27 -38.76 -20.50
C VAL B 93 3.51 -37.66 -21.54
N GLU B 94 4.00 -38.10 -22.70
CA GLU B 94 4.34 -37.21 -23.81
C GLU B 94 3.15 -36.99 -24.72
N VAL B 95 2.52 -35.82 -24.64
CA VAL B 95 1.37 -35.51 -25.48
C VAL B 95 1.62 -34.20 -26.23
N ASP B 96 1.78 -34.32 -27.55
CA ASP B 96 1.85 -33.19 -28.50
C ASP B 96 3.00 -32.22 -28.18
N GLY B 97 4.11 -32.76 -27.69
CA GLY B 97 5.24 -31.93 -27.36
C GLY B 97 5.18 -31.28 -25.99
N LYS B 98 4.05 -31.33 -25.31
CA LYS B 98 3.95 -30.90 -23.93
C LYS B 98 3.62 -32.08 -23.04
N VAL B 99 3.31 -31.77 -21.79
CA VAL B 99 2.99 -32.79 -20.81
C VAL B 99 1.52 -33.16 -20.91
N GLY B 100 1.23 -34.46 -20.98
CA GLY B 100 -0.13 -34.94 -20.90
C GLY B 100 -0.24 -36.04 -19.88
N PHE B 101 -1.49 -36.46 -19.63
CA PHE B 101 -1.78 -37.44 -18.59
C PHE B 101 -2.68 -38.54 -19.15
N VAL B 102 -2.48 -39.76 -18.67
CA VAL B 102 -3.30 -40.91 -19.05
C VAL B 102 -4.39 -41.11 -18.01
N ILE B 103 -5.65 -41.03 -18.45
CA ILE B 103 -6.78 -41.23 -17.56
C ILE B 103 -7.53 -42.49 -18.00
N SER B 104 -8.44 -42.93 -17.13
CA SER B 104 -9.34 -44.02 -17.44
C SER B 104 -10.76 -43.59 -17.14
N ARG B 105 -11.60 -43.58 -18.16
CA ARG B 105 -13.01 -43.24 -18.02
C ARG B 105 -13.82 -44.52 -17.77
N GLY B 106 -15.14 -44.42 -17.91
CA GLY B 106 -16.02 -45.56 -17.74
C GLY B 106 -15.82 -46.64 -18.78
N GLU B 107 -16.12 -47.89 -18.39
CA GLU B 107 -15.94 -49.11 -19.18
C GLU B 107 -14.49 -49.34 -19.60
N GLY B 108 -13.52 -48.81 -18.86
CA GLY B 108 -12.11 -49.06 -19.11
C GLY B 108 -11.53 -48.39 -20.33
N LYS B 109 -12.24 -47.46 -20.95
CA LYS B 109 -11.71 -46.79 -22.13
C LYS B 109 -10.65 -45.77 -21.73
N GLU B 110 -9.63 -45.62 -22.55
CA GLU B 110 -8.54 -44.71 -22.23
C GLU B 110 -8.69 -43.41 -23.01
N GLU B 111 -8.66 -42.30 -22.29
CA GLU B 111 -8.65 -40.96 -22.87
C GLU B 111 -7.31 -40.30 -22.56
N LYS B 112 -6.78 -39.58 -23.54
CA LYS B 112 -5.48 -38.95 -23.43
C LYS B 112 -5.69 -37.44 -23.30
N LEU B 113 -5.43 -36.91 -22.11
CA LEU B 113 -5.76 -35.52 -21.80
C LEU B 113 -4.50 -34.67 -21.75
N THR B 114 -4.56 -33.52 -22.42
CA THR B 114 -3.47 -32.55 -22.35
C THR B 114 -3.52 -31.82 -21.03
N VAL B 115 -2.39 -31.22 -20.63
CA VAL B 115 -2.37 -30.36 -19.46
C VAL B 115 -3.12 -29.06 -19.76
N ASP B 116 -3.20 -28.70 -21.04
CA ASP B 116 -4.02 -27.55 -21.46
C ASP B 116 -5.50 -27.85 -21.24
N GLU B 117 -5.90 -29.12 -21.41
CA GLU B 117 -7.27 -29.50 -21.10
C GLU B 117 -7.53 -29.47 -19.60
N VAL B 118 -6.50 -29.77 -18.79
CA VAL B 118 -6.63 -29.83 -17.34
C VAL B 118 -7.02 -28.47 -16.76
N VAL B 119 -6.31 -27.42 -17.15
CA VAL B 119 -6.52 -26.10 -16.56
C VAL B 119 -7.88 -25.56 -16.93
N SER B 120 -8.34 -25.87 -18.16
CA SER B 120 -9.65 -25.41 -18.63
C SER B 120 -10.78 -26.02 -17.82
N ARG B 121 -10.73 -27.33 -17.58
CA ARG B 121 -11.81 -27.97 -16.85
C ARG B 121 -11.65 -27.76 -15.34
N HIS B 122 -10.44 -27.42 -14.89
CA HIS B 122 -10.28 -26.95 -13.52
C HIS B 122 -10.92 -25.58 -13.34
N LEU B 123 -10.73 -24.69 -14.32
CA LEU B 123 -11.35 -23.38 -14.25
C LEU B 123 -12.83 -23.43 -14.62
N ASN B 124 -13.30 -24.57 -15.12
CA ASN B 124 -14.70 -24.73 -15.47
C ASN B 124 -15.57 -24.64 -14.22
N ARG B 125 -15.14 -25.28 -13.13
CA ARG B 125 -15.93 -25.23 -11.90
C ARG B 125 -15.39 -24.19 -10.93
N LEU B 126 -14.20 -23.66 -11.17
CA LEU B 126 -13.84 -22.40 -10.51
C LEU B 126 -14.72 -21.28 -11.02
N LYS B 127 -15.13 -21.34 -12.29
CA LYS B 127 -16.22 -20.52 -12.81
C LYS B 127 -17.53 -20.83 -12.09
N LEU B 128 -17.83 -22.13 -11.94
CA LEU B 128 -19.14 -22.53 -11.41
C LEU B 128 -19.28 -22.17 -9.94
N ALA B 129 -18.22 -22.33 -9.15
CA ALA B 129 -18.28 -22.01 -7.73
C ALA B 129 -18.40 -20.51 -7.51
N ALA B 130 -17.79 -19.72 -8.41
CA ALA B 130 -17.86 -18.27 -8.27
C ALA B 130 -19.23 -17.74 -8.65
N GLU B 131 -19.82 -18.25 -9.73
CA GLU B 131 -21.08 -17.70 -10.22
C GLU B 131 -22.26 -18.19 -9.38
N ASP B 132 -22.10 -19.30 -8.67
CA ASP B 132 -23.18 -19.77 -7.80
C ASP B 132 -23.26 -18.95 -6.53
N TYR B 133 -22.10 -18.57 -5.97
CA TYR B 133 -22.11 -17.72 -4.78
C TYR B 133 -22.56 -16.31 -5.11
N ILE B 134 -22.03 -15.73 -6.18
CA ILE B 134 -22.40 -14.36 -6.54
C ILE B 134 -23.81 -14.31 -7.11
N GLY B 135 -24.18 -15.25 -7.97
CA GLY B 135 -25.49 -15.21 -8.60
C GLY B 135 -25.52 -14.56 -9.96
N SER B 136 -24.37 -14.36 -10.58
CA SER B 136 -24.29 -13.81 -11.92
C SER B 136 -23.08 -14.41 -12.62
N ALA B 137 -23.15 -14.42 -13.95
CA ALA B 137 -22.11 -15.06 -14.75
C ALA B 137 -20.83 -14.23 -14.75
N VAL B 138 -19.70 -14.91 -14.76
CA VAL B 138 -18.38 -14.26 -14.82
C VAL B 138 -17.74 -14.62 -16.16
N LYS B 139 -16.96 -13.69 -16.70
CA LYS B 139 -16.33 -13.88 -18.00
C LYS B 139 -14.85 -13.52 -18.01
N GLU B 140 -14.40 -12.76 -17.01
CA GLU B 140 -13.04 -12.25 -16.97
C GLU B 140 -12.51 -12.35 -15.55
N ALA B 141 -11.19 -12.41 -15.42
CA ALA B 141 -10.56 -12.61 -14.13
C ALA B 141 -9.12 -12.15 -14.19
N VAL B 142 -8.59 -11.79 -13.03
CA VAL B 142 -7.17 -11.48 -12.87
C VAL B 142 -6.49 -12.70 -12.27
N LEU B 143 -5.48 -13.23 -12.96
CA LEU B 143 -4.84 -14.47 -12.58
C LEU B 143 -3.46 -14.17 -12.02
N THR B 144 -3.17 -14.69 -10.82
CA THR B 144 -1.89 -14.48 -10.19
C THR B 144 -0.97 -15.67 -10.44
N VAL B 145 0.23 -15.38 -10.91
CA VAL B 145 1.21 -16.41 -11.26
C VAL B 145 2.47 -16.14 -10.43
N PRO B 146 3.34 -17.13 -10.22
CA PRO B 146 4.67 -16.82 -9.74
C PRO B 146 5.44 -16.07 -10.80
N THR B 147 6.44 -15.30 -10.37
CA THR B 147 7.16 -14.43 -11.30
C THR B 147 8.11 -15.20 -12.22
N ASN B 148 8.31 -16.50 -12.00
CA ASN B 148 9.19 -17.28 -12.86
C ASN B 148 8.44 -17.98 -14.00
N PHE B 149 7.13 -17.80 -14.11
CA PHE B 149 6.45 -18.17 -15.35
C PHE B 149 6.73 -17.15 -16.43
N SER B 150 7.20 -17.63 -17.58
CA SER B 150 7.48 -16.73 -18.69
C SER B 150 6.22 -16.40 -19.46
N GLU B 151 6.39 -15.65 -20.56
CA GLU B 151 5.24 -15.15 -21.30
C GLU B 151 4.56 -16.25 -22.09
N GLU B 152 5.30 -17.28 -22.51
CA GLU B 152 4.70 -18.37 -23.29
C GLU B 152 3.78 -19.23 -22.43
N GLN B 153 4.01 -19.25 -21.11
CA GLN B 153 3.05 -19.89 -20.22
C GLN B 153 1.80 -19.02 -20.06
N LYS B 154 1.98 -17.71 -19.98
CA LYS B 154 0.87 -16.80 -19.76
C LYS B 154 -0.10 -16.79 -20.94
N THR B 155 0.44 -16.92 -22.16
CA THR B 155 -0.43 -17.07 -23.32
C THR B 155 -1.15 -18.41 -23.31
N ALA B 156 -0.49 -19.45 -22.80
CA ALA B 156 -1.13 -20.76 -22.69
C ALA B 156 -2.24 -20.75 -21.67
N LEU B 157 -2.03 -20.04 -20.55
CA LEU B 157 -3.12 -19.83 -19.59
C LEU B 157 -4.21 -18.95 -20.17
N LYS B 158 -3.83 -17.98 -21.01
CA LYS B 158 -4.84 -17.19 -21.71
C LYS B 158 -5.56 -18.01 -22.76
N ALA B 159 -4.85 -18.94 -23.41
CA ALA B 159 -5.48 -19.79 -24.40
C ALA B 159 -6.39 -20.83 -23.76
N SER B 160 -5.92 -21.47 -22.68
CA SER B 160 -6.70 -22.54 -22.05
C SER B 160 -7.92 -21.99 -21.34
N ALA B 161 -7.84 -20.76 -20.83
CA ALA B 161 -9.04 -20.11 -20.31
C ALA B 161 -9.98 -19.70 -21.44
N ALA B 162 -9.42 -19.46 -22.63
CA ALA B 162 -10.26 -19.15 -23.78
C ALA B 162 -10.89 -20.40 -24.39
N LYS B 163 -10.39 -21.58 -24.01
CA LYS B 163 -11.03 -22.82 -24.46
C LYS B 163 -12.41 -22.99 -23.85
N ILE B 164 -12.59 -22.48 -22.63
CA ILE B 164 -13.87 -22.55 -21.94
C ILE B 164 -14.60 -21.21 -21.96
N GLY B 165 -13.87 -20.14 -22.24
CA GLY B 165 -14.51 -18.83 -22.31
C GLY B 165 -14.22 -17.93 -21.12
N LEU B 166 -13.00 -17.93 -20.62
CA LEU B 166 -12.57 -16.98 -19.60
C LEU B 166 -11.52 -16.08 -20.22
N GLN B 167 -11.66 -14.77 -19.98
CA GLN B 167 -10.73 -13.80 -20.51
C GLN B 167 -9.78 -13.36 -19.40
N ILE B 168 -8.55 -13.84 -19.42
CA ILE B 168 -7.56 -13.44 -18.44
C ILE B 168 -7.13 -12.02 -18.78
N VAL B 169 -7.67 -11.05 -18.05
CA VAL B 169 -7.52 -9.66 -18.45
C VAL B 169 -6.14 -9.12 -18.05
N GLN B 170 -5.52 -9.72 -17.03
CA GLN B 170 -4.24 -9.21 -16.55
C GLN B 170 -3.51 -10.35 -15.84
N PHE B 171 -2.18 -10.30 -15.91
CA PHE B 171 -1.31 -11.19 -15.17
C PHE B 171 -0.52 -10.38 -14.15
N ILE B 172 -0.55 -10.81 -12.89
CA ILE B 172 0.19 -10.15 -11.84
C ILE B 172 0.96 -11.21 -11.06
N ASN B 173 2.11 -10.83 -10.53
CA ASN B 173 2.92 -11.78 -9.78
C ASN B 173 2.39 -11.93 -8.37
N GLU B 174 2.46 -13.16 -7.86
CA GLU B 174 1.93 -13.50 -6.54
C GLU B 174 2.53 -12.72 -5.37
N PRO B 175 3.84 -12.47 -5.28
CA PRO B 175 4.32 -11.56 -4.21
C PRO B 175 3.80 -10.13 -4.34
N SER B 176 3.57 -9.65 -5.56
CA SER B 176 2.95 -8.35 -5.71
C SER B 176 1.46 -8.41 -5.41
N ALA B 177 0.82 -9.53 -5.73
CA ALA B 177 -0.62 -9.65 -5.55
C ALA B 177 -0.97 -9.83 -4.07
N ALA B 178 -0.16 -10.61 -3.35
CA ALA B 178 -0.50 -10.92 -1.96
C ALA B 178 -0.29 -9.71 -1.05
N LEU B 179 0.64 -8.84 -1.40
CA LEU B 179 1.04 -7.77 -0.49
C LEU B 179 0.00 -6.66 -0.45
N LEU B 180 -0.75 -6.51 -1.54
CA LEU B 180 -1.67 -5.37 -1.68
C LEU B 180 -2.83 -5.48 -0.69
N ALA B 181 -3.32 -6.70 -0.46
CA ALA B 181 -4.41 -6.89 0.49
C ALA B 181 -3.94 -6.67 1.92
N HIS B 182 -2.71 -7.04 2.22
CA HIS B 182 -2.12 -6.69 3.50
C HIS B 182 -1.95 -5.17 3.62
N ALA B 183 -1.56 -4.52 2.52
CA ALA B 183 -1.42 -3.07 2.55
C ALA B 183 -2.76 -2.37 2.58
N GLU B 184 -3.81 -2.97 1.99
CA GLU B 184 -5.13 -2.36 2.05
C GLU B 184 -5.73 -2.50 3.45
N GLN B 185 -5.62 -3.68 4.04
CA GLN B 185 -6.13 -3.90 5.39
C GLN B 185 -5.28 -3.17 6.42
N PHE B 186 -3.95 -3.23 6.28
CA PHE B 186 -3.03 -2.56 7.19
C PHE B 186 -2.09 -1.69 6.37
N PRO B 187 -2.45 -0.43 6.14
CA PRO B 187 -1.52 0.50 5.48
C PRO B 187 -0.30 0.78 6.35
N PHE B 188 0.83 1.01 5.70
CA PHE B 188 2.06 1.27 6.41
C PHE B 188 2.18 2.75 6.74
N GLU B 189 2.56 3.04 7.99
CA GLU B 189 2.76 4.41 8.43
C GLU B 189 3.99 5.04 7.77
N LYS B 190 4.95 4.23 7.36
CA LYS B 190 6.17 4.69 6.72
C LYS B 190 6.44 3.80 5.50
N ASP B 191 7.17 4.33 4.53
CA ASP B 191 7.63 3.53 3.41
C ASP B 191 8.66 2.51 3.89
N VAL B 192 8.40 1.23 3.61
CA VAL B 192 9.17 0.14 4.18
C VAL B 192 9.66 -0.80 3.09
N ASN B 193 10.57 -1.68 3.46
CA ASN B 193 10.98 -2.81 2.63
C ASN B 193 10.50 -4.08 3.30
N VAL B 194 9.85 -4.95 2.53
CA VAL B 194 9.22 -6.16 3.06
C VAL B 194 9.58 -7.34 2.17
N VAL B 195 9.47 -8.54 2.73
CA VAL B 195 9.73 -9.77 2.01
C VAL B 195 8.46 -10.61 2.01
N VAL B 196 7.98 -10.98 0.83
CA VAL B 196 6.82 -11.84 0.70
C VAL B 196 7.32 -13.28 0.70
N ALA B 197 6.77 -14.10 1.59
CA ALA B 197 7.14 -15.51 1.69
C ALA B 197 5.94 -16.36 1.31
N ASP B 198 6.06 -17.08 0.21
CA ASP B 198 5.04 -18.04 -0.21
C ASP B 198 5.62 -19.45 -0.06
N PHE B 199 5.23 -20.13 0.99
CA PHE B 199 5.69 -21.49 1.23
C PHE B 199 4.52 -22.42 0.92
N GLY B 200 4.52 -22.97 -0.29
CA GLY B 200 3.50 -23.90 -0.69
C GLY B 200 3.82 -25.32 -0.25
N GLY B 201 2.96 -26.24 -0.69
CA GLY B 201 3.18 -27.64 -0.37
C GLY B 201 4.38 -28.26 -1.06
N ILE B 202 4.60 -27.94 -2.34
CA ILE B 202 5.65 -28.57 -3.11
C ILE B 202 6.73 -27.59 -3.55
N ARG B 203 6.49 -26.28 -3.42
CA ARG B 203 7.51 -25.30 -3.77
C ARG B 203 7.44 -24.12 -2.83
N SER B 204 8.57 -23.44 -2.69
CA SER B 204 8.69 -22.28 -1.82
C SER B 204 9.08 -21.07 -2.65
N ASP B 205 8.42 -19.95 -2.40
CA ASP B 205 8.66 -18.72 -3.14
C ASP B 205 8.92 -17.58 -2.17
N ALA B 206 10.02 -16.87 -2.39
CA ALA B 206 10.33 -15.68 -1.61
C ALA B 206 10.78 -14.58 -2.55
N ALA B 207 10.29 -13.37 -2.30
CA ALA B 207 10.59 -12.22 -3.13
C ALA B 207 10.65 -10.98 -2.26
N VAL B 208 11.55 -10.07 -2.60
CA VAL B 208 11.76 -8.88 -1.81
C VAL B 208 11.09 -7.72 -2.51
N ILE B 209 10.21 -7.02 -1.80
CA ILE B 209 9.41 -5.93 -2.35
C ILE B 209 9.76 -4.66 -1.60
N ALA B 210 10.08 -3.61 -2.34
CA ALA B 210 10.21 -2.29 -1.75
C ALA B 210 8.86 -1.57 -1.86
N VAL B 211 8.30 -1.19 -0.72
CA VAL B 211 7.05 -0.43 -0.68
C VAL B 211 7.43 1.04 -0.70
N ARG B 212 7.31 1.66 -1.87
CA ARG B 212 7.66 3.06 -2.05
C ARG B 212 6.45 3.78 -2.60
N ASN B 213 5.84 4.65 -1.76
CA ASN B 213 4.65 5.48 -1.99
C ASN B 213 3.56 4.78 -2.81
N GLY B 214 3.27 3.53 -2.45
CA GLY B 214 2.25 2.76 -3.13
C GLY B 214 2.69 2.07 -4.39
N ILE B 215 3.97 2.07 -4.72
CA ILE B 215 4.50 1.38 -5.90
C ILE B 215 5.28 0.16 -5.43
N PHE B 216 4.92 -1.00 -5.98
CA PHE B 216 5.47 -2.27 -5.51
C PHE B 216 6.44 -2.77 -6.58
N THR B 217 7.69 -2.99 -6.18
CA THR B 217 8.77 -3.26 -7.13
C THR B 217 9.58 -4.47 -6.69
N ILE B 218 10.19 -5.16 -7.66
CA ILE B 218 11.06 -6.29 -7.39
C ILE B 218 12.46 -5.78 -7.08
N LEU B 219 13.02 -6.23 -5.96
CA LEU B 219 14.46 -6.16 -5.84
C LEU B 219 15.13 -7.45 -6.28
N ALA B 220 14.77 -8.58 -5.65
CA ALA B 220 15.16 -9.89 -6.14
C ALA B 220 14.14 -10.92 -5.66
N THR B 221 13.94 -11.95 -6.48
CA THR B 221 13.04 -13.04 -6.16
C THR B 221 13.83 -14.35 -6.07
N ALA B 222 13.32 -15.28 -5.29
CA ALA B 222 13.91 -16.60 -5.18
C ALA B 222 12.81 -17.66 -5.21
N HIS B 223 13.15 -18.81 -5.78
CA HIS B 223 12.23 -19.94 -5.89
C HIS B 223 12.99 -21.20 -5.54
N ASP B 224 12.34 -22.12 -4.85
CA ASP B 224 12.88 -23.45 -4.61
C ASP B 224 11.77 -24.45 -4.90
N LEU B 225 11.93 -25.23 -5.95
CA LEU B 225 10.94 -26.24 -6.32
C LEU B 225 11.05 -27.50 -5.48
N SER B 226 12.06 -27.60 -4.62
CA SER B 226 12.25 -28.78 -3.79
C SER B 226 11.92 -28.57 -2.32
N LEU B 227 11.85 -27.31 -1.86
CA LEU B 227 11.53 -27.01 -0.48
C LEU B 227 10.04 -26.67 -0.37
N GLY B 228 9.35 -27.33 0.54
CA GLY B 228 7.94 -27.07 0.70
C GLY B 228 7.33 -27.93 1.78
N GLY B 229 6.00 -27.92 1.83
CA GLY B 229 5.27 -28.70 2.83
C GLY B 229 5.28 -30.18 2.55
N ASP B 230 5.63 -30.59 1.34
CA ASP B 230 5.85 -32.01 1.05
C ASP B 230 7.00 -32.55 1.89
N ASN B 231 8.08 -31.77 2.01
CA ASN B 231 9.20 -32.18 2.85
C ASN B 231 8.81 -32.22 4.32
N LEU B 232 7.92 -31.32 4.74
CA LEU B 232 7.29 -31.45 6.05
C LEU B 232 6.47 -32.73 6.13
N ASP B 233 5.73 -33.03 5.06
CA ASP B 233 4.88 -34.20 5.06
C ASP B 233 5.70 -35.48 5.00
N THR B 234 6.72 -35.51 4.13
CA THR B 234 7.51 -36.72 3.93
C THR B 234 8.38 -37.04 5.14
N GLU B 235 8.78 -36.00 5.88
CA GLU B 235 9.52 -36.21 7.12
C GLU B 235 8.65 -36.90 8.16
N LEU B 236 7.35 -36.59 8.16
CA LEU B 236 6.44 -37.28 9.06
C LEU B 236 6.11 -38.68 8.56
N VAL B 237 6.17 -38.90 7.24
CA VAL B 237 5.92 -40.22 6.67
C VAL B 237 6.97 -41.22 7.15
N GLU B 238 8.24 -40.83 7.10
CA GLU B 238 9.26 -41.70 7.67
C GLU B 238 9.19 -41.72 9.19
N TYR B 239 8.64 -40.66 9.80
CA TYR B 239 8.46 -40.65 11.24
C TYR B 239 7.42 -41.67 11.67
N PHE B 240 6.23 -41.67 11.04
CA PHE B 240 5.20 -42.62 11.41
C PHE B 240 5.58 -44.04 11.03
N ALA B 241 6.50 -44.19 10.09
CA ALA B 241 7.08 -45.49 9.81
C ALA B 241 7.87 -46.01 11.00
N SER B 242 8.48 -45.11 11.79
CA SER B 242 9.41 -45.54 12.82
C SER B 242 8.71 -46.24 13.98
N GLU B 243 7.62 -45.64 14.48
CA GLU B 243 6.92 -46.29 15.59
C GLU B 243 6.10 -47.48 15.11
N PHE B 244 5.72 -47.50 13.85
CA PHE B 244 4.89 -48.60 13.36
C PHE B 244 5.72 -49.87 13.21
N GLN B 245 6.96 -49.75 12.77
CA GLN B 245 7.76 -50.95 12.52
C GLN B 245 8.39 -51.47 13.81
N LYS B 246 8.50 -50.64 14.84
CA LYS B 246 9.01 -51.14 16.11
C LYS B 246 7.90 -51.75 16.94
N LYS B 247 6.68 -51.25 16.79
CA LYS B 247 5.57 -51.76 17.58
C LYS B 247 4.95 -52.99 16.94
N TYR B 248 4.71 -52.94 15.63
CA TYR B 248 3.94 -53.96 14.95
C TYR B 248 4.74 -54.79 13.97
N GLN B 249 6.03 -54.48 13.78
CA GLN B 249 6.99 -55.23 12.97
C GLN B 249 6.57 -55.38 11.51
N ALA B 250 6.08 -54.31 10.90
CA ALA B 250 5.76 -54.29 9.48
C ALA B 250 6.30 -53.02 8.84
N ASN B 251 6.61 -53.10 7.56
CA ASN B 251 7.14 -51.95 6.82
C ASN B 251 6.03 -51.32 6.00
N PRO B 252 5.56 -50.13 6.37
CA PRO B 252 4.48 -49.49 5.59
C PRO B 252 4.99 -48.84 4.31
N ARG B 253 6.30 -48.69 4.15
CA ARG B 253 6.84 -48.04 2.98
C ARG B 253 6.78 -48.92 1.74
N LYS B 254 6.71 -50.24 1.91
CA LYS B 254 6.83 -51.15 0.78
C LYS B 254 5.51 -51.35 0.03
N ASN B 255 4.42 -50.76 0.50
CA ASN B 255 3.14 -50.79 -0.20
C ASN B 255 2.78 -49.37 -0.59
N ALA B 256 2.35 -49.19 -1.84
CA ALA B 256 2.03 -47.86 -2.32
C ALA B 256 0.74 -47.34 -1.70
N ARG B 257 -0.26 -48.20 -1.54
CA ARG B 257 -1.52 -47.78 -0.93
C ARG B 257 -1.36 -47.49 0.55
N SER B 258 -0.52 -48.29 1.24
CA SER B 258 -0.25 -48.03 2.65
C SER B 258 0.51 -46.73 2.83
N LEU B 259 1.45 -46.45 1.93
CA LEU B 259 2.20 -45.21 2.02
C LEU B 259 1.33 -44.02 1.67
N ALA B 260 0.34 -44.23 0.79
CA ALA B 260 -0.52 -43.13 0.37
C ALA B 260 -1.48 -42.72 1.47
N LYS B 261 -2.09 -43.69 2.15
CA LYS B 261 -3.00 -43.36 3.25
C LYS B 261 -2.21 -42.81 4.44
N LEU B 262 -0.95 -43.21 4.57
CA LEU B 262 -0.09 -42.58 5.56
C LEU B 262 0.25 -41.16 5.16
N LYS B 263 0.48 -40.95 3.86
CA LYS B 263 0.72 -39.60 3.36
C LYS B 263 -0.52 -38.74 3.45
N ALA B 264 -1.69 -39.36 3.31
CA ALA B 264 -2.94 -38.61 3.39
C ALA B 264 -3.24 -38.18 4.81
N ASN B 265 -3.04 -39.07 5.78
CA ASN B 265 -3.35 -38.73 7.16
C ASN B 265 -2.27 -37.85 7.77
N SER B 266 -1.05 -37.89 7.22
CA SER B 266 -0.03 -36.96 7.66
C SER B 266 -0.27 -35.57 7.10
N SER B 267 -0.99 -35.48 5.98
CA SER B 267 -1.27 -34.19 5.38
C SER B 267 -2.27 -33.39 6.21
N ILE B 268 -3.08 -34.08 7.00
CA ILE B 268 -4.08 -33.39 7.83
C ILE B 268 -3.42 -32.74 9.04
N THR B 269 -2.35 -33.38 9.55
CA THR B 269 -1.70 -32.90 10.77
C THR B 269 -0.98 -31.58 10.54
N LYS B 270 -0.54 -31.33 9.31
CA LYS B 270 0.09 -30.06 8.98
C LYS B 270 -0.90 -28.91 9.15
N LYS B 271 -2.18 -29.16 8.88
CA LYS B 271 -3.20 -28.16 9.14
C LYS B 271 -3.70 -28.24 10.57
N THR B 272 -3.77 -29.45 11.13
CA THR B 272 -4.38 -29.65 12.45
C THR B 272 -3.50 -29.07 13.55
N LEU B 273 -2.20 -29.32 13.48
CA LEU B 273 -1.31 -28.90 14.56
C LEU B 273 -0.90 -27.45 14.43
N SER B 274 -1.34 -26.76 13.37
CA SER B 274 -1.08 -25.34 13.23
C SER B 274 -1.88 -24.51 14.24
N ASN B 275 -2.98 -25.04 14.74
CA ASN B 275 -3.82 -24.34 15.71
C ASN B 275 -3.87 -24.95 17.10
N ALA B 276 -3.48 -26.21 17.25
CA ALA B 276 -3.53 -26.91 18.52
C ALA B 276 -2.13 -27.36 18.92
N THR B 277 -2.00 -27.81 20.16
CA THR B 277 -0.72 -28.29 20.66
C THR B 277 -0.47 -29.76 20.39
N SER B 278 -1.47 -30.51 19.94
CA SER B 278 -1.31 -31.93 19.68
C SER B 278 -2.35 -32.38 18.66
N ALA B 279 -2.09 -33.54 18.05
CA ALA B 279 -3.02 -34.13 17.10
C ALA B 279 -2.97 -35.64 17.22
N THR B 280 -4.09 -36.28 16.87
CA THR B 280 -4.24 -37.72 17.01
C THR B 280 -4.48 -38.35 15.64
N ILE B 281 -3.99 -39.57 15.46
CA ILE B 281 -4.11 -40.31 14.21
C ILE B 281 -4.73 -41.67 14.47
N SER B 282 -5.82 -41.97 13.76
CA SER B 282 -6.47 -43.27 13.80
C SER B 282 -6.66 -43.75 12.38
N ILE B 283 -5.95 -44.81 11.99
CA ILE B 283 -6.00 -45.34 10.64
C ILE B 283 -6.48 -46.78 10.71
N ASP B 284 -7.66 -47.05 10.15
CA ASP B 284 -8.09 -48.42 9.97
C ASP B 284 -7.38 -49.03 8.76
N SER B 285 -6.89 -50.26 8.94
CA SER B 285 -6.22 -51.08 7.92
C SER B 285 -5.05 -50.35 7.26
N LEU B 286 -4.03 -50.06 8.08
CA LEU B 286 -2.85 -49.38 7.56
C LEU B 286 -2.01 -50.30 6.68
N ALA B 287 -1.49 -51.37 7.27
CA ALA B 287 -0.67 -52.34 6.55
C ALA B 287 -0.69 -53.65 7.31
N ASP B 288 -0.78 -54.75 6.54
CA ASP B 288 -0.87 -56.12 7.06
C ASP B 288 -2.08 -56.29 8.00
N GLY B 289 -3.17 -55.60 7.71
CA GLY B 289 -4.37 -55.66 8.52
C GLY B 289 -4.25 -55.02 9.88
N PHE B 290 -3.35 -54.06 10.07
CA PHE B 290 -3.13 -53.48 11.39
C PHE B 290 -3.68 -52.07 11.47
N ASP B 291 -4.42 -51.79 12.53
CA ASP B 291 -4.83 -50.43 12.84
C ASP B 291 -3.70 -49.70 13.55
N TYR B 292 -3.91 -48.40 13.80
CA TYR B 292 -2.88 -47.56 14.40
C TYR B 292 -3.53 -46.41 15.14
N HIS B 293 -3.11 -46.19 16.39
CA HIS B 293 -3.58 -45.07 17.20
C HIS B 293 -2.38 -44.43 17.88
N ALA B 294 -2.18 -43.14 17.64
CA ALA B 294 -1.10 -42.42 18.30
C ALA B 294 -1.45 -40.94 18.39
N SER B 295 -0.81 -40.27 19.34
CA SER B 295 -0.97 -38.84 19.55
C SER B 295 0.41 -38.19 19.49
N ILE B 296 0.50 -37.10 18.73
CA ILE B 296 1.76 -36.42 18.47
C ILE B 296 1.59 -34.95 18.80
N ASN B 297 2.43 -34.44 19.69
CA ASN B 297 2.34 -33.07 20.15
C ASN B 297 3.10 -32.13 19.22
N ARG B 298 3.18 -30.86 19.64
CA ARG B 298 3.90 -29.88 18.84
C ARG B 298 5.41 -30.06 18.93
N MET B 299 5.91 -30.36 20.14
CA MET B 299 7.34 -30.28 20.39
C MET B 299 8.12 -31.39 19.70
N ARG B 300 7.57 -32.61 19.68
CA ARG B 300 8.26 -33.70 18.99
C ARG B 300 8.14 -33.54 17.49
N TYR B 301 7.06 -32.92 17.02
CA TYR B 301 6.95 -32.53 15.63
C TYR B 301 8.01 -31.51 15.24
N GLU B 302 8.23 -30.51 16.11
CA GLU B 302 9.24 -29.50 15.83
C GLU B 302 10.64 -30.07 15.96
N LEU B 303 10.82 -31.06 16.84
CA LEU B 303 12.11 -31.73 16.93
C LEU B 303 12.39 -32.56 15.68
N VAL B 304 11.34 -33.10 15.06
CA VAL B 304 11.50 -33.79 13.79
C VAL B 304 11.80 -32.79 12.68
N ALA B 305 11.06 -31.69 12.63
CA ALA B 305 11.06 -30.81 11.47
C ALA B 305 12.08 -29.68 11.56
N ASN B 306 13.02 -29.75 12.50
CA ASN B 306 13.97 -28.64 12.66
C ASN B 306 15.00 -28.57 11.52
N LYS B 307 15.26 -29.69 10.86
CA LYS B 307 16.12 -29.66 9.67
C LYS B 307 15.46 -28.87 8.54
N VAL B 308 14.19 -29.17 8.26
CA VAL B 308 13.50 -28.54 7.14
C VAL B 308 13.21 -27.08 7.45
N PHE B 309 12.86 -26.79 8.70
CA PHE B 309 12.52 -25.41 9.08
C PHE B 309 13.74 -24.51 9.06
N ALA B 310 14.92 -25.07 9.32
CA ALA B 310 16.15 -24.31 9.19
C ALA B 310 16.44 -23.98 7.72
N GLN B 311 16.06 -24.88 6.82
CA GLN B 311 16.18 -24.60 5.39
C GLN B 311 15.23 -23.49 4.97
N PHE B 312 14.08 -23.39 5.64
CA PHE B 312 13.13 -22.34 5.33
C PHE B 312 13.66 -20.97 5.74
N SER B 313 14.35 -20.91 6.87
CA SER B 313 15.00 -19.66 7.27
C SER B 313 16.25 -19.40 6.43
N SER B 314 16.88 -20.48 5.94
CA SER B 314 18.00 -20.32 5.03
C SER B 314 17.55 -19.81 3.66
N PHE B 315 16.33 -20.15 3.25
CA PHE B 315 15.81 -19.67 1.98
C PHE B 315 15.46 -18.19 2.05
N VAL B 316 15.12 -17.70 3.24
CA VAL B 316 14.93 -16.27 3.45
C VAL B 316 16.26 -15.54 3.32
N ASP B 317 17.33 -16.17 3.80
CA ASP B 317 18.63 -15.51 3.88
C ASP B 317 19.25 -15.31 2.49
N SER B 318 18.98 -16.23 1.56
CA SER B 318 19.65 -16.19 0.27
C SER B 318 19.04 -15.11 -0.63
N VAL B 319 17.74 -14.87 -0.52
CA VAL B 319 17.12 -13.85 -1.38
C VAL B 319 17.49 -12.45 -0.90
N ILE B 320 17.84 -12.30 0.38
CA ILE B 320 18.33 -11.02 0.87
C ILE B 320 19.72 -10.74 0.32
N ALA B 321 20.57 -11.78 0.28
CA ALA B 321 21.92 -11.61 -0.24
C ALA B 321 21.92 -11.46 -1.76
N LYS B 322 20.90 -12.03 -2.43
CA LYS B 322 20.80 -11.88 -3.87
C LYS B 322 20.49 -10.45 -4.29
N ALA B 323 19.64 -9.76 -3.52
CA ALA B 323 19.40 -8.34 -3.73
C ALA B 323 20.43 -7.47 -3.03
N GLU B 324 21.36 -8.09 -2.29
CA GLU B 324 22.40 -7.42 -1.49
C GLU B 324 21.77 -6.46 -0.48
N LEU B 325 21.11 -7.02 0.53
CA LEU B 325 20.58 -6.27 1.64
C LEU B 325 21.08 -6.89 2.95
N ASP B 326 20.82 -6.23 4.01
CA ASP B 326 21.13 -6.73 5.33
C ASP B 326 19.82 -6.91 6.10
N PRO B 327 19.61 -8.05 6.78
CA PRO B 327 18.39 -8.24 7.57
C PRO B 327 18.10 -7.21 8.66
N LEU B 328 19.06 -6.37 9.04
CA LEU B 328 18.71 -5.21 9.84
C LEU B 328 17.88 -4.20 9.04
N ASP B 329 18.14 -4.04 7.75
CA ASP B 329 17.47 -3.04 6.92
C ASP B 329 16.02 -3.43 6.64
N ILE B 330 15.73 -4.72 6.47
CA ILE B 330 14.41 -5.18 6.04
C ILE B 330 13.42 -4.92 7.18
N ASP B 331 12.23 -4.46 6.83
CA ASP B 331 11.29 -4.01 7.87
C ASP B 331 10.32 -5.08 8.31
N ALA B 332 9.89 -5.95 7.40
CA ALA B 332 8.94 -6.98 7.75
C ALA B 332 9.12 -8.17 6.81
N VAL B 333 8.63 -9.32 7.25
CA VAL B 333 8.58 -10.52 6.41
C VAL B 333 7.11 -10.91 6.33
N LEU B 334 6.56 -10.88 5.12
CA LEU B 334 5.15 -11.15 4.90
C LEU B 334 5.04 -12.62 4.48
N LEU B 335 4.07 -13.32 5.06
CA LEU B 335 3.94 -14.76 4.87
C LEU B 335 2.61 -15.07 4.19
N THR B 336 2.64 -16.00 3.25
CA THR B 336 1.44 -16.56 2.66
C THR B 336 1.65 -18.05 2.37
N GLY B 337 0.55 -18.80 2.34
CA GLY B 337 0.59 -20.22 2.10
C GLY B 337 0.24 -21.04 3.32
N GLY B 338 -0.14 -22.30 3.07
CA GLY B 338 -0.60 -23.19 4.13
C GLY B 338 0.49 -23.65 5.07
N VAL B 339 1.75 -23.59 4.64
CA VAL B 339 2.86 -23.86 5.53
C VAL B 339 3.04 -22.74 6.54
N SER B 340 2.72 -21.50 6.14
CA SER B 340 2.88 -20.32 7.00
C SER B 340 1.96 -20.35 8.22
N PHE B 341 0.93 -21.20 8.24
CA PHE B 341 0.11 -21.39 9.43
C PHE B 341 0.89 -21.98 10.61
N THR B 342 2.01 -22.67 10.36
CA THR B 342 2.76 -23.34 11.41
C THR B 342 3.46 -22.35 12.33
N PRO B 343 3.23 -22.43 13.64
CA PRO B 343 3.84 -21.46 14.55
C PRO B 343 5.33 -21.68 14.77
N LYS B 344 5.86 -22.85 14.45
CA LYS B 344 7.31 -23.04 14.52
C LYS B 344 8.03 -22.19 13.48
N LEU B 345 7.47 -22.09 12.27
CA LEU B 345 8.07 -21.28 11.22
C LEU B 345 7.99 -19.80 11.54
N THR B 346 7.02 -19.41 12.37
CA THR B 346 6.99 -18.03 12.84
C THR B 346 8.18 -17.74 13.75
N THR B 347 8.48 -18.66 14.67
CA THR B 347 9.45 -18.39 15.74
C THR B 347 10.89 -18.39 15.24
N ASN B 348 11.16 -19.06 14.12
CA ASN B 348 12.52 -19.11 13.59
C ASN B 348 12.94 -17.76 13.03
N LEU B 349 11.98 -16.93 12.62
CA LEU B 349 12.31 -15.72 11.87
C LEU B 349 12.65 -14.54 12.77
N GLU B 350 12.13 -14.50 14.01
CA GLU B 350 12.66 -13.50 14.93
C GLU B 350 14.03 -13.90 15.47
N TYR B 351 14.32 -15.21 15.52
CA TYR B 351 15.61 -15.65 16.01
C TYR B 351 16.73 -15.39 15.02
N THR B 352 16.51 -15.67 13.73
CA THR B 352 17.56 -15.55 12.72
C THR B 352 17.69 -14.16 12.12
N LEU B 353 16.84 -13.23 12.50
CA LEU B 353 16.84 -11.84 12.09
C LEU B 353 16.89 -10.93 13.31
N PRO B 354 17.22 -9.65 13.14
CA PRO B 354 17.10 -8.71 14.27
C PRO B 354 15.67 -8.51 14.70
N GLU B 355 15.49 -8.05 15.95
CA GLU B 355 14.17 -7.87 16.53
C GLU B 355 13.38 -6.76 15.87
N SER B 356 14.03 -5.87 15.10
CA SER B 356 13.34 -4.78 14.44
C SER B 356 12.49 -5.24 13.26
N VAL B 357 12.65 -6.48 12.81
CA VAL B 357 11.81 -7.02 11.75
C VAL B 357 10.56 -7.63 12.36
N GLU B 358 9.40 -7.11 11.97
CA GLU B 358 8.13 -7.63 12.47
C GLU B 358 7.63 -8.70 11.51
N ILE B 359 7.49 -9.93 12.00
CA ILE B 359 7.13 -11.06 11.14
C ILE B 359 5.61 -11.08 11.02
N LEU B 360 5.12 -10.86 9.80
CA LEU B 360 3.69 -10.78 9.54
C LEU B 360 3.19 -12.21 9.27
N GLY B 361 2.46 -12.76 10.23
CA GLY B 361 1.98 -14.12 10.12
C GLY B 361 0.70 -14.35 10.87
N PRO B 362 0.31 -15.61 11.01
CA PRO B 362 -0.91 -15.92 11.79
C PRO B 362 -0.81 -15.55 13.26
N GLN B 363 0.37 -15.67 13.86
CA GLN B 363 0.54 -15.40 15.28
C GLN B 363 0.61 -13.92 15.61
N ASN B 364 0.67 -13.05 14.61
CA ASN B 364 0.86 -11.62 14.86
C ASN B 364 -0.43 -11.01 15.42
N LYS B 365 -0.28 -10.28 16.52
CA LYS B 365 -1.43 -9.67 17.17
C LYS B 365 -1.93 -8.43 16.44
N ASN B 366 -1.04 -7.73 15.72
CA ASN B 366 -1.37 -6.45 15.11
C ASN B 366 -1.71 -6.54 13.63
N ALA B 367 -0.99 -7.36 12.85
CA ALA B 367 -1.22 -7.48 11.42
C ALA B 367 -1.23 -8.96 11.03
N SER B 368 -2.42 -9.55 11.03
CA SER B 368 -2.60 -10.95 10.68
C SER B 368 -3.81 -11.12 9.78
N ASN B 369 -3.73 -12.09 8.88
CA ASN B 369 -4.85 -12.45 8.01
C ASN B 369 -4.68 -13.94 7.74
N ASN B 370 -5.37 -14.47 6.74
CA ASN B 370 -5.22 -15.87 6.39
C ASN B 370 -4.17 -16.03 5.29
N PRO B 371 -3.07 -16.74 5.56
CA PRO B 371 -2.02 -16.87 4.54
C PRO B 371 -2.43 -17.61 3.28
N ASN B 372 -3.37 -18.54 3.36
CA ASN B 372 -3.88 -19.18 2.15
C ASN B 372 -4.80 -18.28 1.34
N GLU B 373 -5.26 -17.18 1.93
CA GLU B 373 -6.26 -16.33 1.31
C GLU B 373 -5.69 -15.01 0.81
N LEU B 374 -4.55 -14.59 1.35
CA LEU B 374 -4.09 -13.21 1.20
C LEU B 374 -3.62 -12.92 -0.22
N ALA B 375 -3.27 -13.96 -0.96
CA ALA B 375 -2.91 -13.77 -2.37
C ALA B 375 -4.13 -13.41 -3.21
N ALA B 376 -5.24 -14.12 -3.02
CA ALA B 376 -6.40 -13.91 -3.88
C ALA B 376 -7.12 -12.61 -3.57
N SER B 377 -7.09 -12.19 -2.29
CA SER B 377 -7.78 -10.98 -1.90
C SER B 377 -7.12 -9.73 -2.47
N GLY B 378 -5.81 -9.79 -2.71
CA GLY B 378 -5.15 -8.71 -3.42
C GLY B 378 -5.52 -8.66 -4.88
N ALA B 379 -5.85 -9.82 -5.47
CA ALA B 379 -6.22 -9.87 -6.88
C ALA B 379 -7.59 -9.25 -7.11
N ALA B 380 -8.51 -9.42 -6.16
CA ALA B 380 -9.81 -8.80 -6.28
C ALA B 380 -9.72 -7.29 -6.14
N LEU B 381 -8.74 -6.82 -5.36
CA LEU B 381 -8.54 -5.38 -5.22
C LEU B 381 -8.04 -4.77 -6.53
N GLN B 382 -7.14 -5.47 -7.23
CA GLN B 382 -6.75 -5.04 -8.56
C GLN B 382 -7.89 -5.20 -9.56
N ALA B 383 -8.77 -6.16 -9.31
CA ALA B 383 -9.92 -6.37 -10.18
C ALA B 383 -10.91 -5.22 -10.07
N ARG B 384 -11.09 -4.68 -8.87
CA ARG B 384 -12.05 -3.59 -8.69
C ARG B 384 -11.56 -2.29 -9.31
N LEU B 385 -10.24 -2.05 -9.25
CA LEU B 385 -9.68 -0.83 -9.83
C LEU B 385 -9.76 -0.85 -11.35
N ILE B 386 -9.56 -2.01 -11.98
CA ILE B 386 -9.63 -2.10 -13.43
C ILE B 386 -11.02 -2.39 -13.95
N SER B 387 -12.02 -2.49 -13.07
CA SER B 387 -13.38 -2.80 -13.49
C SER B 387 -14.05 -1.65 -14.23
N ASP B 388 -13.51 -0.43 -14.11
CA ASP B 388 -14.01 0.72 -14.84
C ASP B 388 -13.38 0.86 -16.23
N TYR B 389 -12.45 -0.01 -16.58
CA TYR B 389 -11.64 0.18 -17.77
C TYR B 389 -12.03 -0.82 -18.86
N ASP B 390 -12.03 -0.35 -20.09
CA ASP B 390 -12.12 -1.26 -21.22
C ASP B 390 -10.73 -1.83 -21.51
N ALA B 391 -10.68 -2.74 -22.50
CA ALA B 391 -9.43 -3.44 -22.81
C ALA B 391 -8.39 -2.52 -23.42
N ASP B 392 -8.81 -1.46 -24.11
CA ASP B 392 -7.87 -0.55 -24.73
C ASP B 392 -7.12 0.29 -23.70
N GLU B 393 -7.81 0.76 -22.66
CA GLU B 393 -7.17 1.61 -21.67
C GLU B 393 -6.20 0.83 -20.80
N LEU B 394 -6.57 -0.39 -20.43
CA LEU B 394 -5.72 -1.18 -19.55
C LEU B 394 -4.50 -1.71 -20.29
N ALA B 395 -4.65 -2.03 -21.57
CA ALA B 395 -3.50 -2.46 -22.36
C ALA B 395 -2.56 -1.28 -22.60
N GLU B 396 -3.11 -0.07 -22.74
CA GLU B 396 -2.27 1.11 -22.85
C GLU B 396 -1.63 1.44 -21.51
N ALA B 397 -2.29 1.06 -20.41
CA ALA B 397 -1.67 1.21 -19.10
C ALA B 397 -0.62 0.15 -18.85
N LEU B 398 -0.65 -0.94 -19.61
CA LEU B 398 0.29 -2.06 -19.47
C LEU B 398 1.55 -1.86 -20.31
N GLN B 399 1.64 -0.76 -21.06
CA GLN B 399 2.74 -0.54 -21.99
C GLN B 399 4.06 -0.37 -21.25
N PRO B 400 5.17 -0.85 -21.83
CA PRO B 400 6.48 -0.73 -21.16
C PRO B 400 6.97 0.70 -20.98
N VAL B 401 6.46 1.66 -21.75
CA VAL B 401 6.81 3.05 -21.51
C VAL B 401 6.18 3.58 -20.23
N ILE B 402 5.07 2.99 -19.79
CA ILE B 402 4.37 3.48 -18.60
C ILE B 402 4.67 2.63 -17.39
N VAL B 403 4.74 1.30 -17.56
CA VAL B 403 4.99 0.43 -16.41
C VAL B 403 6.44 0.50 -15.96
N ASN B 404 7.33 1.07 -16.76
CA ASN B 404 8.71 1.30 -16.33
C ASN B 404 8.80 2.69 -15.72
N THR B 405 9.06 2.69 -14.42
CA THR B 405 9.46 3.91 -13.75
C THR B 405 10.95 3.88 -13.44
N PRO B 406 11.67 4.96 -13.73
CA PRO B 406 13.03 5.08 -13.24
C PRO B 406 13.05 5.32 -11.74
N HIS B 407 14.01 4.68 -11.07
CA HIS B 407 14.18 4.80 -9.63
C HIS B 407 15.51 5.48 -9.31
N LEU B 408 15.83 5.48 -8.01
CA LEU B 408 17.04 6.10 -7.47
C LEU B 408 17.84 5.03 -6.76
N LYS B 409 19.01 4.70 -7.31
CA LYS B 409 19.83 3.61 -6.78
C LYS B 409 20.44 3.97 -5.42
N LYS B 410 21.01 5.17 -5.33
CA LYS B 410 21.81 5.34 -4.13
C LYS B 410 21.20 6.41 -3.22
N PRO B 411 20.79 6.02 -2.01
CA PRO B 411 19.90 6.86 -1.19
C PRO B 411 20.48 8.18 -0.71
N ILE B 412 19.56 9.13 -0.49
CA ILE B 412 19.88 10.47 -0.02
C ILE B 412 19.26 10.67 1.35
N GLY B 413 19.65 11.76 2.03
CA GLY B 413 19.10 12.03 3.34
C GLY B 413 19.73 13.18 4.10
N LEU B 414 19.59 13.16 5.43
CA LEU B 414 20.12 14.18 6.31
C LEU B 414 21.27 13.63 7.15
N ILE B 415 22.23 14.49 7.44
CA ILE B 415 23.36 14.14 8.30
C ILE B 415 22.91 14.32 9.75
N GLY B 416 23.38 13.42 10.63
CA GLY B 416 23.04 13.51 12.03
C GLY B 416 23.99 14.40 12.82
N ALA B 417 23.78 14.41 14.14
CA ALA B 417 24.61 15.22 15.03
C ALA B 417 26.03 14.71 15.12
N LYS B 418 26.23 13.38 15.16
CA LYS B 418 27.56 12.80 15.23
C LYS B 418 28.12 12.44 13.87
N GLY B 419 27.59 13.03 12.80
CA GLY B 419 28.02 12.71 11.46
C GLY B 419 27.39 11.47 10.88
N GLU B 420 26.44 10.85 11.58
CA GLU B 420 25.76 9.67 11.04
C GLU B 420 24.79 10.09 9.95
N PHE B 421 24.42 9.14 9.09
CA PHE B 421 23.59 9.42 7.94
C PHE B 421 22.15 8.98 8.21
N HIS B 422 21.23 9.93 8.20
CA HIS B 422 19.82 9.66 8.40
C HIS B 422 19.09 9.83 7.07
N PRO B 423 18.67 8.76 6.41
CA PRO B 423 18.02 8.90 5.11
C PRO B 423 16.60 9.45 5.26
N VAL B 424 16.25 10.37 4.36
CA VAL B 424 14.89 10.86 4.22
C VAL B 424 14.17 10.18 3.07
N LEU B 425 14.65 10.39 1.85
CA LEU B 425 14.23 9.59 0.70
C LEU B 425 15.20 8.42 0.62
N LEU B 426 14.67 7.22 0.81
CA LEU B 426 15.46 6.03 1.02
C LEU B 426 16.07 5.56 -0.29
N ALA B 427 16.60 4.34 -0.27
CA ALA B 427 17.04 3.74 -1.52
C ALA B 427 15.84 3.30 -2.33
N GLU B 428 16.09 3.00 -3.60
CA GLU B 428 15.17 2.33 -4.51
C GLU B 428 13.91 3.16 -4.78
N THR B 429 14.00 4.49 -4.72
CA THR B 429 12.82 5.33 -4.81
C THR B 429 12.60 5.83 -6.22
N SER B 430 11.39 5.66 -6.73
CA SER B 430 11.01 6.32 -7.98
C SER B 430 10.72 7.79 -7.75
N PHE B 431 10.72 8.55 -8.84
CA PHE B 431 10.45 9.98 -8.82
C PHE B 431 9.42 10.31 -9.88
N PRO B 432 8.64 11.41 -9.72
CA PRO B 432 8.60 12.49 -8.73
C PRO B 432 8.08 12.07 -7.36
N VAL B 433 8.68 12.62 -6.32
CA VAL B 433 8.40 12.24 -4.94
C VAL B 433 8.79 13.38 -4.02
N GLN B 434 8.01 13.57 -2.96
CA GLN B 434 8.22 14.64 -1.99
C GLN B 434 7.82 14.16 -0.61
N LYS B 435 8.69 14.38 0.37
CA LYS B 435 8.49 13.88 1.72
C LYS B 435 8.76 15.01 2.72
N LYS B 436 8.02 15.01 3.82
CA LYS B 436 8.08 16.08 4.82
C LYS B 436 8.54 15.52 6.16
N LEU B 437 9.52 16.19 6.76
CA LEU B 437 10.02 15.83 8.07
C LEU B 437 9.88 17.02 9.01
N THR B 438 9.14 16.84 10.09
CA THR B 438 8.80 17.92 11.02
C THR B 438 9.78 17.90 12.19
N LEU B 439 10.77 18.80 12.16
CA LEU B 439 11.69 18.97 13.27
C LEU B 439 11.10 20.03 14.20
N LYS B 440 10.14 19.60 15.01
CA LYS B 440 9.38 20.54 15.83
C LYS B 440 10.22 21.08 16.98
N GLN B 441 11.09 20.25 17.55
CA GLN B 441 11.92 20.65 18.68
C GLN B 441 13.18 21.40 18.28
N ALA B 442 13.37 21.68 17.00
CA ALA B 442 14.57 22.36 16.54
C ALA B 442 14.58 23.82 16.97
N LYS B 443 15.51 24.15 17.86
CA LYS B 443 15.62 25.49 18.44
C LYS B 443 16.98 26.08 18.11
N GLY B 444 16.98 27.28 17.54
CA GLY B 444 18.22 27.99 17.24
C GLY B 444 18.56 27.99 15.77
N ASP B 445 19.84 28.23 15.50
CA ASP B 445 20.36 28.24 14.14
C ASP B 445 20.87 26.85 13.78
N PHE B 446 20.45 26.36 12.62
CA PHE B 446 20.76 25.00 12.19
C PHE B 446 21.41 25.03 10.82
N LEU B 447 22.33 24.09 10.60
CA LEU B 447 22.86 23.80 9.28
C LEU B 447 22.26 22.48 8.81
N ILE B 448 21.64 22.49 7.64
CA ILE B 448 20.94 21.34 7.10
C ILE B 448 21.86 20.70 6.06
N GLY B 449 22.23 19.45 6.30
CA GLY B 449 23.11 18.74 5.41
C GLY B 449 22.40 17.75 4.52
N VAL B 450 22.55 17.91 3.20
CA VAL B 450 22.01 16.96 2.23
C VAL B 450 23.16 16.21 1.61
N TYR B 451 23.18 14.90 1.80
CA TYR B 451 24.25 14.03 1.31
C TYR B 451 23.64 12.80 0.67
N GLU B 452 24.38 12.23 -0.29
CA GLU B 452 24.08 10.87 -0.73
C GLU B 452 24.60 9.90 0.32
N GLY B 453 24.04 8.68 0.31
CA GLY B 453 24.34 7.70 1.33
C GLY B 453 24.84 6.40 0.73
N ASP B 454 25.69 5.73 1.50
CA ASP B 454 26.24 4.43 1.13
C ASP B 454 25.92 3.45 2.25
N HIS B 455 25.45 2.27 1.87
CA HIS B 455 25.07 1.26 2.85
C HIS B 455 25.95 0.03 2.75
N HIS B 456 26.38 -0.46 3.90
CA HIS B 456 27.22 -1.64 4.00
C HIS B 456 26.75 -2.48 5.17
N ILE B 457 27.20 -3.73 5.20
CA ILE B 457 26.78 -4.70 6.21
C ILE B 457 27.36 -4.36 7.57
N LYS B 490 24.03 -3.31 9.96
CA LYS B 490 24.12 -2.27 8.93
C LYS B 490 24.17 -0.88 9.53
N LEU B 491 25.21 -0.12 9.16
CA LEU B 491 25.30 1.29 9.49
C LEU B 491 25.36 2.09 8.21
N TYR B 492 24.74 3.27 8.23
CA TYR B 492 24.80 4.16 7.09
C TYR B 492 26.06 5.00 7.15
N THR B 493 26.79 5.03 6.04
CA THR B 493 28.01 5.80 5.93
C THR B 493 27.75 7.04 5.07
N LEU B 494 28.28 8.17 5.52
CA LEU B 494 28.07 9.44 4.83
C LEU B 494 28.82 9.44 3.51
N GLY B 495 28.13 9.81 2.43
CA GLY B 495 28.72 9.76 1.12
C GLY B 495 28.91 11.11 0.47
N THR B 496 28.45 11.22 -0.77
CA THR B 496 28.75 12.38 -1.59
C THR B 496 27.84 13.55 -1.21
N LYS B 497 28.43 14.74 -1.09
CA LYS B 497 27.69 15.93 -0.69
C LYS B 497 26.77 16.39 -1.81
N LEU B 498 25.51 16.66 -1.48
CA LEU B 498 24.56 17.17 -2.46
C LEU B 498 24.41 18.68 -2.38
N MET B 499 23.94 19.19 -1.23
CA MET B 499 23.90 20.63 -1.00
C MET B 499 23.87 20.88 0.50
N GLU B 500 24.02 22.15 0.87
CA GLU B 500 23.96 22.59 2.25
C GLU B 500 23.06 23.80 2.37
N LEU B 501 22.21 23.82 3.39
CA LEU B 501 21.32 24.94 3.66
C LEU B 501 21.36 25.27 5.13
N GLY B 502 21.12 26.54 5.46
CA GLY B 502 21.12 26.98 6.84
C GLY B 502 19.93 27.85 7.20
N ILE B 503 19.52 27.80 8.47
CA ILE B 503 18.41 28.61 8.96
C ILE B 503 18.90 29.36 10.20
N LYS B 504 18.36 30.55 10.41
CA LYS B 504 18.81 31.45 11.47
C LYS B 504 17.75 31.66 12.53
N ASN B 505 18.13 31.39 13.79
CA ASN B 505 17.31 31.62 14.99
C ASN B 505 15.96 30.91 14.90
N ALA B 506 15.98 29.72 14.34
CA ALA B 506 14.73 29.03 14.04
C ALA B 506 14.14 28.37 15.29
N ASN B 507 12.82 28.30 15.32
CA ASN B 507 12.06 27.60 16.35
C ASN B 507 11.11 26.59 15.70
N GLY B 508 11.66 25.42 15.38
CA GLY B 508 10.92 24.42 14.63
C GLY B 508 11.07 24.60 13.14
N VAL B 509 11.54 23.58 12.44
CA VAL B 509 11.74 23.63 11.00
C VAL B 509 11.15 22.38 10.36
N GLU B 510 10.81 22.49 9.09
CA GLU B 510 10.43 21.34 8.26
C GLU B 510 11.43 21.18 7.14
N ILE B 511 11.88 19.94 6.91
CA ILE B 511 12.83 19.63 5.84
C ILE B 511 12.08 18.89 4.76
N ILE B 512 12.15 19.40 3.53
CA ILE B 512 11.43 18.84 2.40
C ILE B 512 12.45 18.52 1.32
N PHE B 513 12.46 17.27 0.85
CA PHE B 513 13.23 16.90 -0.32
C PHE B 513 12.27 16.72 -1.49
N ASN B 514 12.46 17.50 -2.55
CA ASN B 514 11.60 17.44 -3.72
C ASN B 514 12.43 17.03 -4.92
N ILE B 515 12.00 15.97 -5.60
CA ILE B 515 12.60 15.51 -6.85
C ILE B 515 11.50 15.53 -7.89
N ASN B 516 11.78 16.13 -9.04
CA ASN B 516 10.79 16.19 -10.11
C ASN B 516 10.96 15.01 -11.06
N LYS B 517 10.27 15.09 -12.20
CA LYS B 517 10.41 14.07 -13.24
C LYS B 517 11.75 14.16 -13.96
N ASP B 518 12.44 15.30 -13.87
CA ASP B 518 13.69 15.51 -14.56
C ASP B 518 14.91 15.11 -13.75
N GLY B 519 14.72 14.57 -12.54
CA GLY B 519 15.81 14.17 -11.69
C GLY B 519 16.46 15.28 -10.91
N ALA B 520 15.97 16.51 -11.05
CA ALA B 520 16.54 17.62 -10.31
C ALA B 520 16.10 17.57 -8.85
N LEU B 521 17.07 17.66 -7.95
CA LEU B 521 16.80 17.59 -6.52
C LEU B 521 16.67 19.01 -5.97
N ARG B 522 15.50 19.32 -5.43
CA ARG B 522 15.23 20.61 -4.80
C ARG B 522 14.90 20.38 -3.34
N VAL B 523 15.54 21.14 -2.47
CA VAL B 523 15.39 20.99 -1.03
C VAL B 523 14.80 22.28 -0.46
N THR B 524 13.70 22.15 0.27
CA THR B 524 13.04 23.28 0.91
C THR B 524 13.11 23.11 2.42
N ALA B 525 13.67 24.12 3.10
CA ALA B 525 13.72 24.15 4.56
C ALA B 525 12.93 25.36 5.03
N ARG B 526 11.81 25.11 5.71
CA ARG B 526 10.88 26.14 6.11
C ARG B 526 10.80 26.19 7.63
N ASP B 527 10.90 27.39 8.20
CA ASP B 527 10.65 27.59 9.62
C ASP B 527 9.16 27.36 9.91
N LEU B 528 8.88 26.60 10.97
CA LEU B 528 7.52 26.19 11.24
C LEU B 528 6.65 27.31 11.81
N LYS B 529 7.27 28.29 12.46
CA LYS B 529 6.50 29.39 13.05
C LYS B 529 6.49 30.65 12.19
N THR B 530 7.67 31.20 11.90
CA THR B 530 7.75 32.48 11.21
C THR B 530 7.45 32.39 9.72
N GLY B 531 7.58 31.21 9.13
CA GLY B 531 7.44 31.07 7.70
C GLY B 531 8.68 31.40 6.90
N ASN B 532 9.80 31.65 7.56
CA ASN B 532 11.04 31.92 6.85
C ASN B 532 11.57 30.64 6.20
N ALA B 533 11.57 30.61 4.87
CA ALA B 533 11.90 29.41 4.13
C ALA B 533 13.12 29.65 3.25
N VAL B 534 14.06 28.72 3.30
CA VAL B 534 15.25 28.75 2.47
C VAL B 534 15.15 27.58 1.49
N LYS B 535 15.35 27.88 0.21
CA LYS B 535 15.19 26.89 -0.85
C LYS B 535 16.53 26.57 -1.50
N GLY B 536 16.81 25.28 -1.63
CA GLY B 536 18.00 24.84 -2.32
C GLY B 536 17.61 24.10 -3.60
N GLU B 537 18.44 24.26 -4.63
CA GLU B 537 18.16 23.69 -5.93
C GLU B 537 19.40 22.97 -6.44
N LEU B 538 19.21 21.83 -7.09
CA LEU B 538 20.29 21.18 -7.82
C LEU B 538 19.80 20.71 -9.19
#